data_5IKY
#
_entry.id   5IKY
#
_cell.length_a   230.810
_cell.length_b   230.810
_cell.length_c   253.732
_cell.angle_alpha   90.000
_cell.angle_beta   90.000
_cell.angle_gamma   120.000
#
_symmetry.space_group_name_H-M   'H 3 2'
#
loop_
_entity.id
_entity.type
_entity.pdbx_description
1 polymer 'Oxalate biosynthetic component 1'
2 non-polymer 'MAGNESIUM ION'
3 water water
#
_entity_poly.entity_id   1
_entity_poly.type   'polypeptide(L)'
_entity_poly.pdbx_seq_one_letter_code
;MVKTFYITAAPVGAVPKFLDPLEPKFIPHALLELLPADRREATIKALEANGWEAVPAGGIVREYGYDAPIDLTDYDGAPA
SATVHDALRNNGWTPSGSVWHRTQTSPSLAQPPLITRNTLERLSSVDLVRQIVLQLTTFGWTATEDGSLTWAHDRIHTYL
SPDFVERMRADNAAVLDSLFENGWRMCGAGHWQPGKARSPYLPITANGIVDASREALREGAAVVHLHTRATDDQATLAIP
GLNTPIGIGSQRNHIVLDDYDRIMPTLLDLEPSAILNLSTSARGDRRASQSPLRRAHLKRYGHAQLAPDVASFSPGPVVF
QAGGGYDNPNAFLADQLAHFAEVGVRPEIEVFNHTIVENSVTLYQSPLVKAGVPVLFMLVAAVDQYHRDPVSGDTSDDSL
IDVPTRKAIAKLLQAGTDDAHEKAVELAATQLRPTVEKLRDNFPSCKISLLLPGPFQALLVDVAIALDLDGIRVGLEDAL
NVFDARVPGGVRKACGTGDQVRWLRRELERRGIGIVDAETLRDELGMSRPDVALFRQAEAALAHYPADERLVSADTILDA
LHPIVDTYRKIEDRLAAHLASAESLPADPAALAEHVLTAARSFGITIRSFVEELDRYEDHEYLVARYIQIPQALNFAREL
LVPRGYSIEAYDRALEDYARPGKTVTREHASYSVRVDQFKPLPLRCLEYLVGIPCRYNSDYSNVVNLGLRQSPRYSATMA
LLYHALRELTLELRDRSNASRKACGPLWTVLETPADASEPPVRRDVAPDELAAAIASVDWVVLPSTPTTNYPLGIKLSNG
MAQLFHGFVAQIAADPTLRPSRQTRRDTPLRLLAITHSGRRDDGETVIEASMLHNRFALNADPSGIYFSEESQLIYERLI
LPRLVDKPAKLAYTERQLVRRDAAGFPLYQDGARARRINAEQIERLPLLKCFAHSSGIATAQQLDVQACRDGERLGLTGD
ELRAFFDRALLVSFGSAADIHLDWLGTSVVDVTAFNDVRSLAGTTSRHYVIQPGEHADVLQHCLVHTQPADYRYDHATPV
WQDGRQGKIVARLTGVFLLDDHARLDDGHSIRRYLAASPLWLRQWIARFHDAPADTGAHAILRELQSSMTDYRSSANQTT
RRALA
;
_entity_poly.pdbx_strand_id   A
#
loop_
_chem_comp.id
_chem_comp.type
_chem_comp.name
_chem_comp.formula
MG non-polymer 'MAGNESIUM ION' 'Mg 2'
#
# COMPACT_ATOMS: atom_id res chain seq x y z
N VAL A 2 -21.34 3.77 8.27
CA VAL A 2 -21.59 3.09 9.53
C VAL A 2 -21.36 1.58 9.40
N LYS A 3 -21.88 0.99 8.33
CA LYS A 3 -21.69 -0.43 8.07
C LYS A 3 -20.40 -0.68 7.28
N THR A 4 -19.58 -1.60 7.79
CA THR A 4 -18.32 -1.93 7.12
C THR A 4 -18.12 -3.43 7.00
N PHE A 5 -17.49 -3.84 5.89
CA PHE A 5 -17.04 -5.22 5.72
C PHE A 5 -15.52 -5.25 5.69
N TYR A 6 -14.93 -6.38 6.06
CA TYR A 6 -13.52 -6.58 5.76
C TYR A 6 -13.40 -7.58 4.63
N ILE A 7 -12.52 -7.30 3.68
CA ILE A 7 -12.41 -8.11 2.47
C ILE A 7 -11.26 -9.11 2.55
N THR A 8 -11.57 -10.38 2.33
CA THR A 8 -10.56 -11.41 2.23
C THR A 8 -10.29 -11.70 0.75
N ALA A 9 -9.01 -11.75 0.39
CA ALA A 9 -8.62 -12.06 -0.98
C ALA A 9 -7.98 -13.44 -1.05
N ALA A 10 -8.47 -14.28 -1.96
CA ALA A 10 -7.97 -15.63 -2.13
C ALA A 10 -7.47 -15.85 -3.55
N PRO A 11 -6.19 -15.48 -3.79
CA PRO A 11 -5.63 -15.39 -5.15
C PRO A 11 -5.22 -16.72 -5.80
N VAL A 12 -5.13 -17.82 -5.06
CA VAL A 12 -4.57 -19.05 -5.62
C VAL A 12 -5.57 -20.20 -5.64
N GLY A 13 -5.90 -20.72 -4.47
CA GLY A 13 -6.87 -21.79 -4.37
C GLY A 13 -6.31 -23.16 -4.71
N ALA A 14 -7.22 -24.12 -4.90
CA ALA A 14 -6.85 -25.50 -5.12
C ALA A 14 -7.24 -26.00 -6.52
N VAL A 15 -8.36 -25.53 -7.02
CA VAL A 15 -8.94 -26.08 -8.25
C VAL A 15 -8.51 -25.40 -9.56
N PRO A 16 -8.65 -24.06 -9.67
CA PRO A 16 -8.34 -23.49 -11.00
C PRO A 16 -6.88 -23.67 -11.40
N LYS A 17 -6.60 -23.58 -12.69
CA LYS A 17 -5.24 -23.79 -13.19
C LYS A 17 -4.77 -22.62 -14.05
N PHE A 18 -3.46 -22.46 -14.12
CA PHE A 18 -2.87 -21.44 -14.99
C PHE A 18 -2.80 -21.93 -16.44
N LEU A 19 -3.18 -21.06 -17.37
CA LEU A 19 -3.08 -21.36 -18.79
C LEU A 19 -2.28 -20.27 -19.51
N ASP A 20 -1.10 -20.64 -20.02
CA ASP A 20 -0.22 -19.70 -20.70
C ASP A 20 -0.86 -19.14 -21.97
N PRO A 21 -1.04 -17.82 -22.02
CA PRO A 21 -1.64 -17.16 -23.20
C PRO A 21 -0.79 -17.31 -24.44
N LEU A 22 0.50 -17.61 -24.25
CA LEU A 22 1.44 -17.70 -25.37
C LEU A 22 1.67 -19.13 -25.82
N GLU A 23 0.81 -20.05 -25.37
CA GLU A 23 0.83 -21.43 -25.84
C GLU A 23 -0.21 -21.60 -26.93
N PRO A 24 0.09 -22.45 -27.93
CA PRO A 24 -0.91 -22.77 -28.96
C PRO A 24 -2.19 -23.33 -28.34
N LYS A 25 -3.32 -22.98 -28.94
CA LYS A 25 -4.62 -23.39 -28.39
C LYS A 25 -5.34 -24.36 -29.32
N PHE A 26 -4.68 -24.75 -30.40
CA PHE A 26 -5.23 -25.70 -31.34
C PHE A 26 -4.14 -26.52 -32.01
N ILE A 27 -4.34 -27.84 -32.05
CA ILE A 27 -3.42 -28.71 -32.76
C ILE A 27 -4.16 -29.51 -33.83
N PRO A 28 -3.89 -29.19 -35.10
CA PRO A 28 -4.52 -29.88 -36.24
C PRO A 28 -4.26 -31.38 -36.19
N HIS A 29 -5.20 -32.16 -36.71
CA HIS A 29 -5.05 -33.61 -36.73
C HIS A 29 -3.73 -34.06 -37.33
N ALA A 30 -3.39 -33.52 -38.50
CA ALA A 30 -2.18 -33.88 -39.24
C ALA A 30 -0.90 -33.85 -38.42
N LEU A 31 -0.75 -32.84 -37.56
CA LEU A 31 0.47 -32.68 -36.78
C LEU A 31 0.68 -33.84 -35.82
N LEU A 32 -0.41 -34.35 -35.26
CA LEU A 32 -0.35 -35.49 -34.35
C LEU A 32 -0.23 -36.81 -35.11
N GLU A 33 -1.02 -36.95 -36.17
CA GLU A 33 -1.03 -38.15 -36.99
C GLU A 33 0.33 -38.42 -37.62
N LEU A 34 1.15 -37.37 -37.66
CA LEU A 34 2.49 -37.43 -38.21
C LEU A 34 3.47 -38.16 -37.29
N LEU A 35 3.11 -38.28 -36.01
CA LEU A 35 3.92 -38.98 -35.03
C LEU A 35 3.85 -40.49 -35.19
N PRO A 36 4.84 -41.22 -34.66
CA PRO A 36 4.70 -42.68 -34.57
C PRO A 36 3.56 -43.06 -33.63
N ALA A 37 2.97 -44.23 -33.85
CA ALA A 37 1.76 -44.66 -33.13
C ALA A 37 1.92 -44.61 -31.62
N ASP A 38 3.07 -45.03 -31.12
CA ASP A 38 3.32 -45.03 -29.69
C ASP A 38 3.34 -43.61 -29.13
N ARG A 39 4.19 -42.75 -29.70
CA ARG A 39 4.32 -41.38 -29.26
C ARG A 39 3.04 -40.57 -29.48
N ARG A 40 2.31 -40.89 -30.55
CA ARG A 40 1.05 -40.22 -30.83
C ARG A 40 0.02 -40.52 -29.74
N GLU A 41 -0.01 -41.77 -29.30
CA GLU A 41 -0.94 -42.19 -28.25
C GLU A 41 -0.63 -41.52 -26.93
N ALA A 42 0.66 -41.45 -26.60
CA ALA A 42 1.10 -40.82 -25.35
C ALA A 42 0.81 -39.32 -25.36
N THR A 43 1.11 -38.66 -26.47
CA THR A 43 0.88 -37.23 -26.61
C THR A 43 -0.60 -36.89 -26.48
N ILE A 44 -1.45 -37.61 -27.20
CA ILE A 44 -2.88 -37.34 -27.20
C ILE A 44 -3.51 -37.54 -25.82
N LYS A 45 -3.16 -38.64 -25.16
CA LYS A 45 -3.74 -38.92 -23.85
C LYS A 45 -3.22 -37.93 -22.80
N ALA A 46 -2.03 -37.39 -23.03
CA ALA A 46 -1.48 -36.37 -22.13
C ALA A 46 -2.21 -35.04 -22.35
N LEU A 47 -2.51 -34.74 -23.61
CA LEU A 47 -3.25 -33.53 -23.94
C LEU A 47 -4.66 -33.58 -23.37
N GLU A 48 -5.35 -34.70 -23.58
CA GLU A 48 -6.73 -34.84 -23.12
C GLU A 48 -6.83 -34.84 -21.60
N ALA A 49 -5.76 -35.25 -20.93
CA ALA A 49 -5.71 -35.22 -19.47
C ALA A 49 -5.52 -33.79 -18.97
N ASN A 50 -5.09 -32.91 -19.85
CA ASN A 50 -4.86 -31.52 -19.50
C ASN A 50 -5.87 -30.57 -20.14
N GLY A 51 -7.07 -31.07 -20.40
CA GLY A 51 -8.17 -30.23 -20.85
C GLY A 51 -8.41 -30.19 -22.35
N TRP A 52 -7.46 -30.70 -23.13
CA TRP A 52 -7.59 -30.69 -24.58
C TRP A 52 -8.72 -31.60 -25.05
N GLU A 53 -9.57 -31.09 -25.93
CA GLU A 53 -10.71 -31.84 -26.44
C GLU A 53 -10.62 -32.03 -27.95
N ALA A 54 -10.78 -33.27 -28.40
CA ALA A 54 -10.84 -33.55 -29.82
C ALA A 54 -12.04 -32.84 -30.43
N VAL A 55 -11.87 -32.31 -31.63
CA VAL A 55 -12.89 -31.46 -32.23
C VAL A 55 -12.89 -31.62 -33.75
N PRO A 56 -14.08 -31.70 -34.36
CA PRO A 56 -14.16 -31.85 -35.82
C PRO A 56 -13.78 -30.57 -36.58
N ALA A 57 -13.74 -30.67 -37.90
CA ALA A 57 -13.47 -29.51 -38.74
C ALA A 57 -14.59 -28.48 -38.62
N GLY A 58 -14.31 -27.25 -39.03
CA GLY A 58 -15.32 -26.20 -39.01
C GLY A 58 -14.99 -25.03 -38.09
N GLY A 59 -13.92 -25.17 -37.29
CA GLY A 59 -13.50 -24.11 -36.40
C GLY A 59 -12.61 -23.09 -37.09
N ILE A 60 -12.50 -21.90 -36.50
CA ILE A 60 -11.66 -20.84 -37.08
C ILE A 60 -10.48 -20.53 -36.18
N VAL A 61 -9.39 -20.05 -36.78
CA VAL A 61 -8.18 -19.74 -36.02
C VAL A 61 -7.51 -18.44 -36.48
N ARG A 62 -6.89 -17.74 -35.54
CA ARG A 62 -6.06 -16.59 -35.83
C ARG A 62 -4.67 -16.86 -35.29
N GLU A 63 -3.76 -17.30 -36.16
CA GLU A 63 -2.43 -17.69 -35.72
C GLU A 63 -1.33 -16.91 -36.45
N TYR A 64 -0.22 -16.69 -35.74
CA TYR A 64 0.96 -16.06 -36.30
C TYR A 64 2.15 -16.22 -35.37
N GLY A 65 3.24 -16.78 -35.89
CA GLY A 65 4.49 -16.86 -35.17
C GLY A 65 4.80 -18.18 -34.47
N TYR A 66 3.97 -19.20 -34.72
CA TYR A 66 4.11 -20.46 -33.99
C TYR A 66 4.58 -21.63 -34.85
N ASP A 67 5.03 -21.34 -36.07
CA ASP A 67 5.46 -22.40 -36.99
C ASP A 67 6.88 -22.89 -36.68
N ALA A 68 7.11 -24.18 -36.95
CA ALA A 68 8.42 -24.79 -36.85
C ALA A 68 8.55 -25.86 -37.92
N PRO A 69 9.76 -26.03 -38.48
CA PRO A 69 9.91 -27.02 -39.57
C PRO A 69 9.69 -28.44 -39.07
N ILE A 70 9.14 -29.28 -39.93
CA ILE A 70 8.91 -30.67 -39.59
C ILE A 70 9.84 -31.60 -40.36
N ASP A 71 10.81 -32.18 -39.67
CA ASP A 71 11.70 -33.15 -40.28
C ASP A 71 11.18 -34.56 -39.98
N LEU A 72 10.70 -35.25 -41.00
CA LEU A 72 10.12 -36.58 -40.83
C LEU A 72 11.18 -37.60 -40.41
N THR A 73 12.45 -37.25 -40.58
CA THR A 73 13.55 -38.10 -40.14
C THR A 73 13.54 -38.22 -38.62
N ASP A 74 13.04 -37.18 -37.96
CA ASP A 74 12.89 -37.19 -36.50
C ASP A 74 11.90 -38.25 -36.03
N TYR A 75 11.00 -38.65 -36.93
CA TYR A 75 9.94 -39.58 -36.59
C TYR A 75 10.00 -40.84 -37.46
N ALA A 80 6.24 -40.21 -45.82
CA ALA A 80 5.02 -39.70 -45.21
C ALA A 80 3.84 -40.61 -45.53
N SER A 81 2.63 -40.10 -45.30
CA SER A 81 1.41 -40.84 -45.59
C SER A 81 0.46 -40.01 -46.43
N ALA A 82 -0.24 -40.67 -47.36
CA ALA A 82 -1.16 -40.00 -48.27
C ALA A 82 -2.24 -39.22 -47.51
N THR A 83 -2.72 -39.81 -46.41
CA THR A 83 -3.71 -39.15 -45.56
C THR A 83 -3.08 -37.94 -44.89
N VAL A 84 -1.83 -38.10 -44.45
CA VAL A 84 -1.09 -37.01 -43.83
C VAL A 84 -0.69 -35.97 -44.88
N HIS A 85 0.12 -36.40 -45.85
CA HIS A 85 0.71 -35.53 -46.88
C HIS A 85 -0.26 -34.50 -47.48
N ASP A 86 -1.52 -34.92 -47.70
CA ASP A 86 -2.53 -34.04 -48.30
C ASP A 86 -3.05 -33.02 -47.30
N ALA A 87 -3.17 -33.45 -46.05
CA ALA A 87 -3.58 -32.58 -44.98
C ALA A 87 -2.59 -31.45 -44.76
N LEU A 88 -1.31 -31.82 -44.73
CA LEU A 88 -0.23 -30.84 -44.54
C LEU A 88 -0.24 -29.79 -45.65
N ARG A 89 -0.42 -30.24 -46.88
CA ARG A 89 -0.43 -29.34 -48.02
C ARG A 89 -1.69 -28.47 -48.01
N ASN A 90 -2.79 -29.05 -47.55
CA ASN A 90 -4.06 -28.33 -47.47
C ASN A 90 -4.02 -27.31 -46.33
N ASN A 91 -3.27 -27.63 -45.28
CA ASN A 91 -3.06 -26.71 -44.17
C ASN A 91 -1.84 -25.81 -44.40
N GLY A 92 -1.33 -25.80 -45.62
CA GLY A 92 -0.32 -24.83 -46.02
C GLY A 92 1.13 -25.20 -45.83
N TRP A 93 1.43 -26.50 -45.82
CA TRP A 93 2.81 -26.95 -45.70
C TRP A 93 3.35 -27.47 -47.03
N THR A 94 4.57 -27.09 -47.36
CA THR A 94 5.22 -27.62 -48.56
C THR A 94 6.42 -28.48 -48.19
N PRO A 95 6.57 -29.63 -48.85
CA PRO A 95 7.67 -30.56 -48.58
C PRO A 95 8.96 -30.16 -49.29
N SER A 96 10.08 -30.65 -48.77
CA SER A 96 11.38 -30.44 -49.38
C SER A 96 12.28 -31.59 -48.95
N GLY A 97 12.00 -32.77 -49.51
CA GLY A 97 12.65 -33.99 -49.07
C GLY A 97 11.97 -34.52 -47.82
N SER A 98 12.73 -34.62 -46.74
CA SER A 98 12.20 -35.08 -45.46
C SER A 98 11.64 -33.92 -44.64
N VAL A 99 11.99 -32.69 -45.04
CA VAL A 99 11.63 -31.51 -44.26
C VAL A 99 10.40 -30.78 -44.79
N TRP A 100 9.42 -30.60 -43.91
CA TRP A 100 8.25 -29.78 -44.22
C TRP A 100 8.38 -28.42 -43.56
N HIS A 101 7.86 -27.39 -44.21
CA HIS A 101 7.83 -26.06 -43.61
C HIS A 101 6.67 -25.26 -44.17
N ARG A 102 6.17 -24.29 -43.39
CA ARG A 102 5.01 -23.51 -43.80
C ARG A 102 5.39 -22.34 -44.70
N THR A 103 4.83 -22.35 -45.90
CA THR A 103 5.04 -21.26 -46.86
C THR A 103 3.82 -20.36 -46.87
N GLN A 104 2.67 -20.93 -46.52
CA GLN A 104 1.46 -20.15 -46.26
C GLN A 104 1.65 -19.35 -44.97
N THR A 105 1.27 -18.08 -44.99
CA THR A 105 1.43 -17.25 -43.81
C THR A 105 0.27 -16.26 -43.65
N SER A 106 -0.17 -16.07 -42.41
CA SER A 106 -1.28 -15.19 -42.08
C SER A 106 -0.82 -13.74 -41.98
N PRO A 107 -1.76 -12.79 -41.85
CA PRO A 107 -1.38 -11.40 -41.58
C PRO A 107 -0.56 -11.27 -40.29
N SER A 108 0.45 -10.42 -40.32
CA SER A 108 1.30 -10.19 -39.15
C SER A 108 0.54 -9.42 -38.09
N LEU A 109 1.19 -9.21 -36.94
CA LEU A 109 0.60 -8.46 -35.86
C LEU A 109 1.17 -7.05 -35.76
N ALA A 110 1.43 -6.44 -36.91
CA ALA A 110 1.96 -5.08 -36.98
C ALA A 110 0.99 -4.13 -36.33
N GLN A 111 -0.28 -4.50 -36.40
CA GLN A 111 -1.36 -3.69 -35.91
C GLN A 111 -2.28 -4.64 -35.13
N PRO A 112 -2.46 -4.35 -33.81
CA PRO A 112 -3.12 -5.31 -32.91
C PRO A 112 -4.48 -5.77 -33.41
N PRO A 113 -4.75 -7.09 -33.35
CA PRO A 113 -6.09 -7.64 -33.65
C PRO A 113 -7.15 -6.99 -32.78
N LEU A 114 -8.23 -6.51 -33.41
CA LEU A 114 -9.26 -5.80 -32.69
C LEU A 114 -10.66 -6.22 -33.14
N ILE A 115 -11.42 -6.76 -32.21
CA ILE A 115 -12.83 -7.04 -32.43
C ILE A 115 -13.65 -5.95 -31.74
N THR A 116 -14.17 -5.03 -32.54
CA THR A 116 -14.84 -3.84 -32.00
C THR A 116 -16.12 -4.17 -31.25
N ARG A 117 -16.48 -3.29 -30.32
CA ARG A 117 -17.70 -3.42 -29.55
C ARG A 117 -18.93 -3.45 -30.46
N ASN A 118 -18.90 -2.64 -31.52
CA ASN A 118 -19.98 -2.60 -32.49
C ASN A 118 -20.16 -3.93 -33.20
N THR A 119 -19.04 -4.61 -33.50
CA THR A 119 -19.08 -5.91 -34.15
C THR A 119 -19.76 -6.95 -33.28
N LEU A 120 -19.40 -6.96 -32.00
CA LEU A 120 -19.98 -7.91 -31.05
C LEU A 120 -21.45 -7.65 -30.81
N GLU A 121 -21.82 -6.37 -30.70
CA GLU A 121 -23.20 -5.99 -30.41
C GLU A 121 -24.14 -6.31 -31.57
N ARG A 122 -23.56 -6.59 -32.75
CA ARG A 122 -24.35 -7.01 -33.90
C ARG A 122 -25.03 -8.35 -33.65
N LEU A 123 -24.38 -9.19 -32.86
CA LEU A 123 -24.93 -10.49 -32.52
C LEU A 123 -26.19 -10.33 -31.66
N SER A 124 -27.22 -11.12 -31.98
CA SER A 124 -28.49 -11.02 -31.28
C SER A 124 -28.42 -11.67 -29.90
N SER A 125 -27.96 -12.91 -29.87
CA SER A 125 -27.88 -13.67 -28.62
C SER A 125 -26.86 -13.08 -27.66
N VAL A 126 -27.31 -12.67 -26.49
CA VAL A 126 -26.43 -12.11 -25.47
C VAL A 126 -25.59 -13.22 -24.81
N ASP A 127 -26.12 -14.44 -24.84
CA ASP A 127 -25.40 -15.57 -24.25
C ASP A 127 -24.20 -15.95 -25.11
N LEU A 128 -24.38 -15.85 -26.43
CA LEU A 128 -23.29 -16.13 -27.36
C LEU A 128 -22.16 -15.13 -27.21
N VAL A 129 -22.51 -13.86 -27.03
CA VAL A 129 -21.53 -12.80 -26.88
C VAL A 129 -20.64 -13.04 -25.65
N ARG A 130 -21.27 -13.43 -24.54
CA ARG A 130 -20.54 -13.70 -23.31
C ARG A 130 -19.50 -14.79 -23.49
N GLN A 131 -19.93 -15.91 -24.08
CA GLN A 131 -19.06 -17.05 -24.29
C GLN A 131 -17.88 -16.70 -25.18
N ILE A 132 -18.13 -15.81 -26.15
CA ILE A 132 -17.07 -15.31 -27.01
C ILE A 132 -16.10 -14.45 -26.21
N VAL A 133 -16.64 -13.48 -25.49
CA VAL A 133 -15.83 -12.61 -24.63
C VAL A 133 -15.06 -13.42 -23.59
N LEU A 134 -15.72 -14.41 -23.00
CA LEU A 134 -15.08 -15.24 -21.99
C LEU A 134 -14.00 -16.14 -22.58
N GLN A 135 -14.23 -16.63 -23.80
CA GLN A 135 -13.25 -17.48 -24.46
C GLN A 135 -12.00 -16.70 -24.85
N LEU A 136 -12.19 -15.54 -25.46
CA LEU A 136 -11.06 -14.73 -25.91
C LEU A 136 -10.25 -14.20 -24.73
N THR A 137 -10.94 -13.77 -23.68
CA THR A 137 -10.24 -13.23 -22.51
C THR A 137 -9.54 -14.35 -21.73
N THR A 138 -10.07 -15.56 -21.82
CA THR A 138 -9.40 -16.73 -21.25
C THR A 138 -8.10 -16.97 -22.00
N PHE A 139 -8.10 -16.68 -23.30
CA PHE A 139 -6.94 -16.89 -24.14
C PHE A 139 -5.93 -15.76 -24.06
N GLY A 140 -6.26 -14.71 -23.31
CA GLY A 140 -5.34 -13.60 -23.14
C GLY A 140 -5.73 -12.31 -23.83
N TRP A 141 -6.85 -12.32 -24.55
CA TRP A 141 -7.40 -11.09 -25.12
C TRP A 141 -7.85 -10.19 -23.97
N THR A 142 -7.81 -8.88 -24.19
CA THR A 142 -8.25 -7.95 -23.15
C THR A 142 -9.35 -7.03 -23.64
N ALA A 143 -10.08 -6.46 -22.69
CA ALA A 143 -11.15 -5.51 -23.00
C ALA A 143 -10.62 -4.08 -22.98
N THR A 144 -10.95 -3.32 -24.01
CA THR A 144 -10.56 -1.92 -24.07
C THR A 144 -11.55 -1.07 -23.26
N GLU A 145 -11.19 0.20 -23.03
CA GLU A 145 -12.09 1.12 -22.35
C GLU A 145 -13.37 1.27 -23.16
N ASP A 146 -13.22 1.19 -24.47
CA ASP A 146 -14.34 1.24 -25.41
C ASP A 146 -15.30 0.08 -25.21
N GLY A 147 -14.74 -1.08 -24.83
CA GLY A 147 -15.54 -2.28 -24.65
C GLY A 147 -15.26 -3.31 -25.74
N SER A 148 -14.17 -3.10 -26.47
CA SER A 148 -13.78 -4.02 -27.54
C SER A 148 -12.79 -5.05 -27.02
N LEU A 149 -12.51 -6.06 -27.84
CA LEU A 149 -11.52 -7.07 -27.50
C LEU A 149 -10.28 -6.90 -28.36
N THR A 150 -9.10 -6.99 -27.73
CA THR A 150 -7.85 -6.79 -28.44
C THR A 150 -6.75 -7.73 -27.98
N TRP A 151 -5.72 -7.88 -28.81
CA TRP A 151 -4.58 -8.75 -28.51
C TRP A 151 -3.28 -7.95 -28.63
N ALA A 152 -2.47 -8.00 -27.59
CA ALA A 152 -1.33 -7.08 -27.47
C ALA A 152 0.02 -7.70 -27.83
N HIS A 153 0.10 -9.03 -27.82
CA HIS A 153 1.39 -9.72 -27.95
C HIS A 153 1.83 -9.86 -29.42
N ASP A 154 3.11 -10.18 -29.63
CA ASP A 154 3.68 -10.24 -30.97
C ASP A 154 3.49 -11.62 -31.62
N ARG A 155 2.91 -12.53 -30.86
CA ARG A 155 2.48 -13.82 -31.39
C ARG A 155 0.99 -13.95 -31.13
N ILE A 156 0.33 -14.83 -31.87
CA ILE A 156 -1.07 -15.13 -31.58
C ILE A 156 -1.42 -16.53 -32.04
N HIS A 157 -2.33 -17.17 -31.31
CA HIS A 157 -2.80 -18.50 -31.63
C HIS A 157 -4.16 -18.72 -30.97
N THR A 158 -5.17 -18.05 -31.51
CA THR A 158 -6.50 -18.08 -30.94
C THR A 158 -7.45 -18.89 -31.81
N TYR A 159 -8.14 -19.86 -31.20
CA TYR A 159 -9.03 -20.76 -31.93
C TYR A 159 -10.43 -20.74 -31.35
N LEU A 160 -11.42 -20.92 -32.23
CA LEU A 160 -12.80 -21.06 -31.80
C LEU A 160 -13.40 -22.34 -32.40
N SER A 161 -14.08 -23.11 -31.56
CA SER A 161 -14.66 -24.39 -31.98
C SER A 161 -15.72 -24.22 -33.07
N PRO A 162 -15.97 -25.28 -33.85
CA PRO A 162 -17.04 -25.31 -34.84
C PRO A 162 -18.36 -24.84 -34.25
N ASP A 163 -18.61 -25.24 -33.00
CA ASP A 163 -19.81 -24.85 -32.28
C ASP A 163 -19.95 -23.33 -32.22
N PHE A 164 -18.83 -22.65 -31.96
CA PHE A 164 -18.81 -21.19 -31.97
C PHE A 164 -19.13 -20.65 -33.36
N VAL A 165 -18.51 -21.23 -34.38
CA VAL A 165 -18.63 -20.75 -35.74
C VAL A 165 -20.06 -20.88 -36.27
N GLU A 166 -20.69 -22.02 -36.00
CA GLU A 166 -22.07 -22.26 -36.43
C GLU A 166 -23.02 -21.22 -35.84
N ARG A 167 -22.99 -21.11 -34.51
CA ARG A 167 -23.86 -20.19 -33.80
C ARG A 167 -23.61 -18.74 -34.22
N MET A 168 -22.36 -18.43 -34.51
CA MET A 168 -22.00 -17.11 -35.03
C MET A 168 -22.62 -16.90 -36.40
N ARG A 169 -22.48 -17.89 -37.27
CA ARG A 169 -23.03 -17.82 -38.63
C ARG A 169 -24.55 -17.79 -38.61
N ALA A 170 -25.15 -18.54 -37.69
CA ALA A 170 -26.60 -18.61 -37.57
C ALA A 170 -27.17 -17.31 -37.02
N ASP A 171 -26.60 -16.83 -35.92
CA ASP A 171 -27.02 -15.57 -35.31
C ASP A 171 -26.81 -14.41 -36.29
N ASN A 172 -25.60 -14.31 -36.82
CA ASN A 172 -25.29 -13.26 -37.77
C ASN A 172 -24.09 -13.65 -38.65
N ALA A 173 -24.40 -14.14 -39.85
CA ALA A 173 -23.37 -14.59 -40.79
C ALA A 173 -22.48 -13.42 -41.27
N ALA A 174 -22.81 -12.18 -40.89
CA ALA A 174 -21.85 -11.09 -40.96
C ALA A 174 -20.78 -11.39 -39.93
N VAL A 175 -20.83 -10.72 -38.76
CA VAL A 175 -19.87 -10.89 -37.63
C VAL A 175 -18.72 -11.90 -37.83
N LEU A 176 -19.08 -13.10 -38.29
CA LEU A 176 -18.09 -14.09 -38.75
C LEU A 176 -17.29 -13.56 -39.94
N ASP A 177 -17.81 -12.55 -40.60
CA ASP A 177 -17.23 -12.02 -41.82
C ASP A 177 -15.92 -11.36 -41.50
N SER A 178 -15.97 -10.57 -40.43
CA SER A 178 -14.91 -9.66 -40.09
C SER A 178 -13.67 -10.42 -39.65
N LEU A 179 -13.90 -11.56 -39.02
CA LEU A 179 -12.80 -12.40 -38.59
C LEU A 179 -12.04 -12.88 -39.81
N PHE A 180 -12.78 -13.36 -40.81
CA PHE A 180 -12.19 -13.78 -42.08
C PHE A 180 -11.48 -12.62 -42.77
N GLU A 181 -12.07 -11.44 -42.71
CA GLU A 181 -11.46 -10.25 -43.32
C GLU A 181 -10.29 -9.73 -42.49
N ASN A 182 -10.14 -10.24 -41.28
CA ASN A 182 -9.05 -9.82 -40.40
C ASN A 182 -8.06 -10.93 -40.08
N GLY A 183 -7.94 -11.92 -40.96
CA GLY A 183 -6.90 -12.92 -40.83
C GLY A 183 -7.31 -14.29 -40.27
N TRP A 184 -8.52 -14.39 -39.73
CA TRP A 184 -9.02 -15.67 -39.24
C TRP A 184 -9.30 -16.60 -40.40
N ARG A 185 -9.16 -17.91 -40.19
CA ARG A 185 -9.41 -18.87 -41.26
C ARG A 185 -9.86 -20.23 -40.73
N MET A 186 -10.50 -21.00 -41.62
CA MET A 186 -11.07 -22.30 -41.26
C MET A 186 -10.01 -23.35 -40.97
N CYS A 187 -10.34 -24.29 -40.09
CA CYS A 187 -9.43 -25.35 -39.71
C CYS A 187 -10.03 -26.73 -39.98
N GLY A 188 -9.17 -27.74 -39.99
CA GLY A 188 -9.65 -29.12 -40.08
C GLY A 188 -9.92 -29.67 -38.69
N ALA A 189 -9.99 -30.99 -38.58
CA ALA A 189 -10.16 -31.62 -37.28
C ALA A 189 -8.85 -31.55 -36.49
N GLY A 190 -8.94 -31.74 -35.19
CA GLY A 190 -7.77 -31.70 -34.33
C GLY A 190 -8.13 -31.57 -32.87
N HIS A 191 -7.19 -31.08 -32.07
CA HIS A 191 -7.44 -30.90 -30.63
C HIS A 191 -7.43 -29.43 -30.24
N TRP A 192 -8.17 -29.13 -29.20
CA TRP A 192 -8.47 -27.76 -28.81
C TRP A 192 -8.37 -27.60 -27.30
N GLN A 193 -7.86 -26.45 -26.85
CA GLN A 193 -7.79 -26.14 -25.43
C GLN A 193 -8.81 -25.06 -25.06
N PRO A 194 -9.98 -25.47 -24.55
CA PRO A 194 -11.05 -24.55 -24.16
C PRO A 194 -10.68 -23.69 -22.95
N GLY A 195 -9.76 -24.19 -22.12
CA GLY A 195 -9.35 -23.46 -20.94
C GLY A 195 -10.41 -23.45 -19.86
N LYS A 196 -11.12 -24.57 -19.71
CA LYS A 196 -12.14 -24.68 -18.69
C LYS A 196 -11.51 -24.73 -17.31
N ALA A 197 -12.06 -23.94 -16.40
CA ALA A 197 -11.52 -23.79 -15.05
C ALA A 197 -10.04 -23.37 -15.09
N ARG A 198 -9.69 -22.60 -16.11
CA ARG A 198 -8.32 -22.13 -16.28
C ARG A 198 -8.29 -20.63 -16.55
N SER A 199 -7.16 -20.02 -16.25
CA SER A 199 -6.98 -18.58 -16.44
C SER A 199 -5.52 -18.22 -16.63
N PRO A 200 -5.25 -17.25 -17.52
CA PRO A 200 -3.90 -16.76 -17.75
C PRO A 200 -3.40 -15.86 -16.61
N TYR A 201 -4.24 -15.65 -15.60
CA TYR A 201 -3.91 -14.71 -14.53
C TYR A 201 -3.73 -15.41 -13.19
N LEU A 202 -3.92 -16.72 -13.17
CA LEU A 202 -3.76 -17.48 -11.93
C LEU A 202 -2.28 -17.66 -11.59
N PRO A 203 -1.89 -17.18 -10.40
CA PRO A 203 -0.50 -17.28 -9.92
C PRO A 203 -0.23 -18.63 -9.24
N ILE A 204 0.77 -19.35 -9.72
CA ILE A 204 1.11 -20.65 -9.11
C ILE A 204 2.58 -20.70 -8.70
N THR A 205 3.32 -19.64 -8.94
CA THR A 205 4.69 -19.53 -8.48
C THR A 205 4.78 -18.54 -7.32
N ALA A 206 5.84 -18.63 -6.54
CA ALA A 206 6.04 -17.77 -5.37
C ALA A 206 5.93 -16.29 -5.74
N ASN A 207 6.68 -15.87 -6.74
CA ASN A 207 6.68 -14.47 -7.17
C ASN A 207 5.31 -14.03 -7.69
N GLY A 208 4.64 -14.91 -8.43
CA GLY A 208 3.31 -14.61 -8.93
C GLY A 208 2.33 -14.41 -7.79
N ILE A 209 2.44 -15.25 -6.77
CA ILE A 209 1.56 -15.21 -5.62
C ILE A 209 1.78 -13.94 -4.79
N VAL A 210 3.04 -13.57 -4.61
CA VAL A 210 3.37 -12.32 -3.93
C VAL A 210 2.75 -11.14 -4.66
N ASP A 211 2.91 -11.09 -5.98
CA ASP A 211 2.36 -10.00 -6.78
C ASP A 211 0.83 -9.94 -6.72
N ALA A 212 0.18 -11.10 -6.84
CA ALA A 212 -1.27 -11.16 -6.80
C ALA A 212 -1.80 -10.67 -5.45
N SER A 213 -1.06 -10.98 -4.39
CA SER A 213 -1.42 -10.56 -3.04
C SER A 213 -1.32 -9.04 -2.90
N ARG A 214 -0.20 -8.49 -3.37
CA ARG A 214 0.03 -7.04 -3.31
C ARG A 214 -1.07 -6.27 -4.04
N GLU A 215 -1.46 -6.76 -5.20
CA GLU A 215 -2.51 -6.11 -5.99
C GLU A 215 -3.83 -6.11 -5.23
N ALA A 216 -4.13 -7.21 -4.57
CA ALA A 216 -5.36 -7.35 -3.81
C ALA A 216 -5.37 -6.40 -2.62
N LEU A 217 -4.23 -6.28 -1.95
CA LEU A 217 -4.12 -5.45 -0.75
C LEU A 217 -4.26 -3.95 -1.06
N ARG A 218 -3.69 -3.50 -2.16
CA ARG A 218 -3.76 -2.08 -2.50
C ARG A 218 -5.15 -1.70 -3.00
N GLU A 219 -5.94 -2.70 -3.37
CA GLU A 219 -7.32 -2.44 -3.80
C GLU A 219 -8.30 -2.47 -2.63
N GLY A 220 -7.82 -2.84 -1.45
CA GLY A 220 -8.64 -2.74 -0.26
C GLY A 220 -8.77 -4.00 0.59
N ALA A 221 -8.20 -5.12 0.14
CA ALA A 221 -8.26 -6.36 0.91
C ALA A 221 -7.48 -6.22 2.22
N ALA A 222 -8.03 -6.77 3.28
CA ALA A 222 -7.37 -6.74 4.59
C ALA A 222 -6.71 -8.08 4.90
N VAL A 223 -7.26 -9.15 4.35
CA VAL A 223 -6.74 -10.49 4.60
C VAL A 223 -6.39 -11.19 3.28
N VAL A 224 -5.30 -11.95 3.28
CA VAL A 224 -4.93 -12.70 2.10
C VAL A 224 -4.96 -14.21 2.40
N HIS A 225 -5.83 -14.93 1.71
CA HIS A 225 -5.87 -16.39 1.82
C HIS A 225 -4.82 -17.01 0.91
N LEU A 226 -3.89 -17.84 1.42
CA LEU A 226 -2.94 -18.40 0.48
C LEU A 226 -2.97 -19.92 0.32
N HIS A 227 -2.73 -20.37 -0.92
CA HIS A 227 -2.41 -21.76 -1.25
C HIS A 227 -1.09 -21.82 -2.03
N THR A 228 -0.54 -23.03 -2.15
CA THR A 228 0.60 -23.25 -3.04
C THR A 228 0.34 -24.47 -3.93
N ARG A 229 1.10 -24.59 -5.02
CA ARG A 229 0.88 -25.66 -5.97
C ARG A 229 2.16 -26.45 -6.24
N ALA A 230 2.05 -27.78 -6.24
CA ALA A 230 3.18 -28.64 -6.51
C ALA A 230 3.60 -28.58 -7.98
N THR A 231 4.86 -28.89 -8.25
CA THR A 231 5.37 -28.90 -9.61
C THR A 231 6.12 -30.19 -9.92
N ASP A 232 5.83 -31.24 -9.14
CA ASP A 232 6.56 -32.50 -9.26
C ASP A 232 6.25 -33.23 -10.57
N ASP A 233 5.07 -33.01 -11.13
CA ASP A 233 4.68 -33.67 -12.36
C ASP A 233 4.65 -32.69 -13.54
N GLN A 234 5.47 -31.63 -13.44
CA GLN A 234 5.51 -30.60 -14.47
C GLN A 234 6.30 -31.08 -15.68
N ALA A 235 5.72 -30.91 -16.87
CA ALA A 235 6.36 -31.33 -18.11
C ALA A 235 5.88 -30.51 -19.30
N THR A 236 6.58 -30.62 -20.42
CA THR A 236 6.18 -29.95 -21.65
C THR A 236 6.09 -30.92 -22.82
N LEU A 237 5.04 -30.78 -23.62
CA LEU A 237 4.88 -31.59 -24.83
C LEU A 237 5.42 -30.85 -26.05
N ALA A 238 6.30 -31.52 -26.79
CA ALA A 238 6.76 -30.99 -28.07
C ALA A 238 5.86 -31.48 -29.19
N ILE A 239 5.22 -30.54 -29.88
CA ILE A 239 4.32 -30.88 -30.99
C ILE A 239 4.98 -30.56 -32.33
N PRO A 240 4.95 -31.52 -33.27
CA PRO A 240 5.52 -31.29 -34.61
C PRO A 240 4.92 -30.06 -35.30
N GLY A 241 5.77 -29.18 -35.82
CA GLY A 241 5.31 -28.01 -36.54
C GLY A 241 5.00 -26.81 -35.66
N LEU A 242 5.14 -26.96 -34.35
CA LEU A 242 4.89 -25.87 -33.42
C LEU A 242 6.17 -25.48 -32.67
N ASN A 243 6.50 -24.20 -32.68
CA ASN A 243 7.74 -23.74 -32.05
C ASN A 243 7.58 -23.44 -30.57
N THR A 244 6.39 -23.72 -30.03
CA THR A 244 6.14 -23.55 -28.61
C THR A 244 5.51 -24.82 -28.04
N PRO A 245 6.16 -25.41 -27.02
CA PRO A 245 5.66 -26.65 -26.42
C PRO A 245 4.42 -26.42 -25.56
N ILE A 246 3.65 -27.49 -25.34
CA ILE A 246 2.47 -27.41 -24.49
C ILE A 246 2.80 -27.78 -23.05
N GLY A 247 2.50 -26.87 -22.12
CA GLY A 247 2.74 -27.12 -20.71
C GLY A 247 1.70 -28.05 -20.13
N ILE A 248 2.16 -29.13 -19.51
CA ILE A 248 1.26 -30.09 -18.86
C ILE A 248 1.66 -30.29 -17.40
N GLY A 249 0.71 -30.75 -16.59
CA GLY A 249 0.94 -30.93 -15.17
C GLY A 249 -0.36 -30.76 -14.41
N SER A 250 -0.42 -31.34 -13.22
CA SER A 250 -1.64 -31.29 -12.42
C SER A 250 -1.85 -29.94 -11.76
N GLN A 251 -0.76 -29.22 -11.52
CA GLN A 251 -0.79 -27.98 -10.73
C GLN A 251 -1.52 -28.25 -9.43
N ARG A 252 -1.20 -29.37 -8.81
CA ARG A 252 -1.95 -29.89 -7.68
C ARG A 252 -1.83 -29.05 -6.42
N ASN A 253 -2.96 -28.86 -5.74
CA ASN A 253 -2.94 -28.20 -4.44
C ASN A 253 -2.06 -28.98 -3.49
N HIS A 254 -1.05 -28.30 -2.95
CA HIS A 254 -0.05 -28.93 -2.12
C HIS A 254 0.68 -27.88 -1.31
N ILE A 255 1.02 -28.20 -0.08
CA ILE A 255 1.75 -27.27 0.77
C ILE A 255 3.24 -27.35 0.44
N VAL A 256 3.75 -26.30 -0.20
CA VAL A 256 5.15 -26.26 -0.62
C VAL A 256 5.95 -25.35 0.30
N LEU A 257 6.82 -25.95 1.10
CA LEU A 257 7.53 -25.22 2.15
C LEU A 257 8.53 -24.21 1.58
N ASP A 258 9.17 -24.55 0.47
CA ASP A 258 10.13 -23.66 -0.16
C ASP A 258 9.45 -22.40 -0.71
N ASP A 259 8.24 -22.56 -1.22
CA ASP A 259 7.46 -21.42 -1.70
C ASP A 259 7.12 -20.47 -0.55
N TYR A 260 6.66 -21.02 0.56
CA TYR A 260 6.30 -20.20 1.71
C TYR A 260 7.53 -19.58 2.36
N ASP A 261 8.67 -20.25 2.25
CA ASP A 261 9.93 -19.70 2.75
C ASP A 261 10.31 -18.45 1.98
N ARG A 262 9.77 -18.31 0.77
CA ARG A 262 10.01 -17.14 -0.06
C ARG A 262 8.86 -16.14 0.04
N ILE A 263 7.63 -16.64 -0.08
CA ILE A 263 6.43 -15.80 -0.04
C ILE A 263 6.29 -15.00 1.25
N MET A 264 6.36 -15.69 2.39
CA MET A 264 6.08 -15.06 3.69
C MET A 264 7.04 -13.93 4.07
N PRO A 265 8.37 -14.16 3.99
CA PRO A 265 9.25 -13.03 4.35
C PRO A 265 9.07 -11.83 3.43
N THR A 266 8.81 -12.07 2.14
CA THR A 266 8.59 -11.00 1.18
C THR A 266 7.36 -10.17 1.55
N LEU A 267 6.26 -10.86 1.85
CA LEU A 267 5.02 -10.17 2.24
C LEU A 267 5.18 -9.43 3.56
N LEU A 268 5.90 -10.03 4.51
CA LEU A 268 6.16 -9.37 5.78
C LEU A 268 6.94 -8.07 5.59
N ASP A 269 7.81 -8.06 4.59
CA ASP A 269 8.62 -6.87 4.27
C ASP A 269 7.83 -5.81 3.52
N LEU A 270 7.10 -6.24 2.49
CA LEU A 270 6.40 -5.32 1.60
C LEU A 270 5.01 -4.96 2.11
N GLU A 271 4.39 -5.87 2.85
CA GLU A 271 3.03 -5.67 3.36
C GLU A 271 2.91 -6.04 4.84
N PRO A 272 3.57 -5.27 5.72
CA PRO A 272 3.72 -5.61 7.14
C PRO A 272 2.41 -5.78 7.91
N SER A 273 1.37 -5.05 7.53
CA SER A 273 0.11 -5.07 8.27
C SER A 273 -0.88 -6.09 7.73
N ALA A 274 -0.63 -6.57 6.53
CA ALA A 274 -1.52 -7.53 5.88
C ALA A 274 -1.73 -8.77 6.74
N ILE A 275 -2.98 -9.11 6.97
CA ILE A 275 -3.31 -10.33 7.72
C ILE A 275 -3.15 -11.52 6.79
N LEU A 276 -2.25 -12.43 7.14
CA LEU A 276 -1.91 -13.55 6.29
C LEU A 276 -2.60 -14.81 6.76
N ASN A 277 -3.29 -15.46 5.83
CA ASN A 277 -4.09 -16.64 6.13
C ASN A 277 -3.64 -17.80 5.25
N LEU A 278 -3.04 -18.82 5.85
CA LEU A 278 -2.52 -19.95 5.10
C LEU A 278 -3.47 -21.14 5.14
N SER A 279 -3.65 -21.77 3.98
CA SER A 279 -4.49 -22.95 3.88
C SER A 279 -3.79 -24.17 4.48
N THR A 280 -4.55 -24.99 5.22
CA THR A 280 -4.02 -26.24 5.74
C THR A 280 -4.70 -27.39 5.01
N SER A 281 -5.46 -27.04 3.98
CA SER A 281 -6.26 -27.99 3.22
C SER A 281 -5.45 -29.11 2.60
N ALA A 282 -5.99 -30.32 2.61
CA ALA A 282 -5.37 -31.46 1.96
C ALA A 282 -6.17 -31.86 0.72
N ARG A 283 -6.93 -30.91 0.18
CA ARG A 283 -7.71 -31.12 -1.03
C ARG A 283 -6.80 -31.45 -2.21
N GLY A 284 -7.11 -32.53 -2.92
CA GLY A 284 -6.30 -32.98 -4.02
C GLY A 284 -5.35 -34.09 -3.61
N ASP A 285 -5.31 -34.36 -2.31
CA ASP A 285 -4.44 -35.41 -1.77
C ASP A 285 -4.99 -35.88 -0.42
N ARG A 286 -6.08 -36.64 -0.47
CA ARG A 286 -6.80 -37.06 0.73
C ARG A 286 -6.02 -38.02 1.60
N ARG A 287 -5.06 -38.73 1.01
CA ARG A 287 -4.27 -39.72 1.74
C ARG A 287 -3.29 -39.07 2.72
N ALA A 288 -3.17 -37.76 2.65
CA ALA A 288 -2.27 -37.02 3.54
C ALA A 288 -3.06 -36.21 4.57
N SER A 289 -4.26 -36.69 4.92
CA SER A 289 -5.16 -35.96 5.79
C SER A 289 -4.61 -35.79 7.21
N GLN A 290 -3.78 -36.74 7.64
CA GLN A 290 -3.22 -36.69 8.99
C GLN A 290 -1.74 -36.36 8.99
N SER A 291 -1.24 -35.90 7.84
CA SER A 291 0.17 -35.55 7.72
C SER A 291 0.53 -34.27 8.46
N PRO A 292 1.68 -34.29 9.17
CA PRO A 292 2.20 -33.09 9.84
C PRO A 292 2.53 -31.96 8.86
N LEU A 293 2.54 -32.28 7.55
CA LEU A 293 2.79 -31.27 6.53
C LEU A 293 1.71 -30.18 6.58
N ARG A 294 0.52 -30.55 7.02
CA ARG A 294 -0.61 -29.62 7.08
C ARG A 294 -0.42 -28.52 8.12
N ARG A 295 0.72 -28.51 8.79
CA ARG A 295 1.04 -27.44 9.74
C ARG A 295 2.53 -27.06 9.69
N ALA A 296 3.28 -27.70 8.79
CA ALA A 296 4.71 -27.46 8.67
C ALA A 296 5.02 -26.03 8.20
N HIS A 297 4.09 -25.43 7.47
CA HIS A 297 4.26 -24.07 6.99
C HIS A 297 3.85 -23.03 8.03
N LEU A 298 3.28 -23.50 9.13
CA LEU A 298 2.86 -22.61 10.20
C LEU A 298 3.99 -22.43 11.21
N LYS A 299 4.89 -21.50 10.89
CA LYS A 299 6.06 -21.23 11.71
C LYS A 299 6.40 -19.76 11.69
N ARG A 300 7.50 -19.39 12.34
CA ARG A 300 7.94 -18.00 12.34
C ARG A 300 8.82 -17.72 11.12
N TYR A 301 8.51 -16.65 10.41
CA TYR A 301 9.22 -16.29 9.18
C TYR A 301 10.01 -14.99 9.30
N GLY A 302 11.11 -14.89 8.56
CA GLY A 302 11.88 -13.67 8.47
C GLY A 302 12.67 -13.30 9.71
N HIS A 303 13.36 -12.17 9.65
CA HIS A 303 14.16 -11.69 10.76
C HIS A 303 13.27 -11.26 11.93
N ALA A 304 12.07 -10.79 11.61
CA ALA A 304 11.12 -10.34 12.63
C ALA A 304 10.50 -11.52 13.36
N GLN A 305 10.74 -12.73 12.83
CA GLN A 305 10.24 -13.96 13.43
C GLN A 305 8.72 -13.94 13.64
N LEU A 306 7.98 -13.54 12.61
CA LEU A 306 6.54 -13.47 12.68
C LEU A 306 5.88 -14.69 12.06
N ALA A 307 4.79 -15.14 12.66
CA ALA A 307 4.04 -16.29 12.17
C ALA A 307 2.85 -15.82 11.35
N PRO A 308 2.27 -16.71 10.53
CA PRO A 308 1.00 -16.35 9.91
C PRO A 308 -0.05 -16.13 10.99
N ASP A 309 -1.01 -15.25 10.72
CA ASP A 309 -1.98 -14.88 11.74
C ASP A 309 -3.12 -15.88 11.80
N VAL A 310 -3.48 -16.44 10.65
CA VAL A 310 -4.64 -17.31 10.56
C VAL A 310 -4.33 -18.55 9.73
N ALA A 311 -4.89 -19.70 10.11
CA ALA A 311 -4.78 -20.91 9.31
C ALA A 311 -6.13 -21.64 9.24
N SER A 312 -6.38 -22.29 8.10
CA SER A 312 -7.63 -23.00 7.88
C SER A 312 -7.83 -24.14 8.86
N PHE A 313 -9.09 -24.34 9.26
CA PHE A 313 -9.42 -25.34 10.26
C PHE A 313 -10.85 -25.83 10.02
N SER A 314 -11.00 -27.12 9.73
CA SER A 314 -12.32 -27.69 9.52
C SER A 314 -12.59 -28.85 10.47
N PRO A 315 -13.43 -28.60 11.49
CA PRO A 315 -13.74 -29.64 12.48
C PRO A 315 -14.70 -30.69 11.93
N GLY A 316 -14.26 -31.42 10.90
CA GLY A 316 -15.05 -32.47 10.30
C GLY A 316 -14.63 -32.74 8.87
N PRO A 317 -15.12 -33.84 8.28
CA PRO A 317 -14.76 -34.23 6.92
C PRO A 317 -15.24 -33.23 5.88
N VAL A 318 -14.45 -33.05 4.82
CA VAL A 318 -14.87 -32.21 3.71
C VAL A 318 -15.02 -33.09 2.47
N VAL A 319 -16.26 -33.29 2.03
CA VAL A 319 -16.53 -34.18 0.91
C VAL A 319 -17.30 -33.47 -0.19
N PHE A 320 -16.60 -33.09 -1.25
CA PHE A 320 -17.22 -32.40 -2.37
C PHE A 320 -18.04 -33.36 -3.23
N GLN A 321 -19.24 -32.96 -3.60
CA GLN A 321 -20.06 -33.75 -4.51
C GLN A 321 -19.41 -33.83 -5.89
N ALA A 322 -18.70 -32.78 -6.27
CA ALA A 322 -17.99 -32.75 -7.55
C ALA A 322 -16.73 -33.60 -7.50
N GLY A 323 -16.44 -34.15 -6.32
CA GLY A 323 -15.31 -35.05 -6.17
C GLY A 323 -14.16 -34.43 -5.39
N GLY A 324 -13.36 -35.28 -4.79
CA GLY A 324 -12.24 -34.82 -3.99
C GLY A 324 -12.66 -34.52 -2.57
N GLY A 325 -11.77 -33.92 -1.81
CA GLY A 325 -12.02 -33.61 -0.41
C GLY A 325 -10.97 -34.22 0.48
N TYR A 326 -11.14 -34.05 1.79
CA TYR A 326 -10.16 -34.52 2.75
C TYR A 326 -10.81 -34.72 4.11
N ASP A 327 -10.23 -35.59 4.93
CA ASP A 327 -10.76 -35.87 6.25
C ASP A 327 -10.02 -35.06 7.30
N ASN A 328 -10.69 -34.81 8.43
CA ASN A 328 -10.06 -34.12 9.54
C ASN A 328 -10.31 -34.85 10.87
N PRO A 329 -9.56 -35.93 11.12
CA PRO A 329 -9.71 -36.71 12.35
C PRO A 329 -9.46 -35.87 13.60
N ASN A 330 -10.06 -36.28 14.71
CA ASN A 330 -10.05 -35.48 15.94
C ASN A 330 -8.67 -35.32 16.57
N ALA A 331 -7.90 -36.40 16.62
CA ALA A 331 -6.55 -36.33 17.20
C ALA A 331 -5.67 -35.41 16.36
N PHE A 332 -5.85 -35.47 15.05
CA PHE A 332 -5.11 -34.59 14.14
C PHE A 332 -5.45 -33.14 14.42
N LEU A 333 -6.74 -32.83 14.46
CA LEU A 333 -7.21 -31.48 14.75
C LEU A 333 -6.73 -30.97 16.10
N ALA A 334 -6.61 -31.89 17.06
CA ALA A 334 -6.11 -31.53 18.38
C ALA A 334 -4.62 -31.18 18.31
N ASP A 335 -3.89 -31.90 17.47
CA ASP A 335 -2.48 -31.60 17.24
C ASP A 335 -2.33 -30.27 16.53
N GLN A 336 -3.25 -29.98 15.62
CA GLN A 336 -3.29 -28.69 14.93
C GLN A 336 -3.46 -27.56 15.93
N LEU A 337 -4.54 -27.61 16.71
CA LEU A 337 -4.83 -26.56 17.68
C LEU A 337 -3.71 -26.37 18.69
N ALA A 338 -3.07 -27.48 19.09
CA ALA A 338 -1.97 -27.39 20.02
C ALA A 338 -0.81 -26.64 19.39
N HIS A 339 -0.55 -26.95 18.12
CA HIS A 339 0.51 -26.30 17.36
C HIS A 339 0.20 -24.83 17.06
N PHE A 340 -1.04 -24.55 16.68
CA PHE A 340 -1.49 -23.17 16.45
C PHE A 340 -1.19 -22.29 17.65
N ALA A 341 -1.38 -22.85 18.84
CA ALA A 341 -1.23 -22.09 20.08
C ALA A 341 0.23 -21.78 20.40
N GLU A 342 1.12 -22.73 20.12
CA GLU A 342 2.53 -22.54 20.40
C GLU A 342 3.16 -21.52 19.45
N VAL A 343 2.55 -21.33 18.30
CA VAL A 343 3.12 -20.49 17.25
C VAL A 343 2.39 -19.14 17.18
N GLY A 344 1.17 -19.09 17.69
CA GLY A 344 0.41 -17.85 17.74
C GLY A 344 -0.56 -17.71 16.58
N VAL A 345 -1.04 -18.85 16.08
CA VAL A 345 -1.94 -18.85 14.94
C VAL A 345 -3.40 -19.02 15.38
N ARG A 346 -4.26 -18.16 14.86
CA ARG A 346 -5.70 -18.25 15.11
C ARG A 346 -6.35 -19.05 14.00
N PRO A 347 -7.14 -20.07 14.35
CA PRO A 347 -7.81 -20.84 13.30
C PRO A 347 -8.92 -20.04 12.62
N GLU A 348 -9.14 -20.31 11.34
CA GLU A 348 -10.35 -19.85 10.67
C GLU A 348 -11.18 -21.05 10.30
N ILE A 349 -12.38 -21.14 10.87
CA ILE A 349 -13.22 -22.29 10.63
C ILE A 349 -13.82 -22.22 9.23
N GLU A 350 -13.36 -23.12 8.37
CA GLU A 350 -13.94 -23.23 7.04
C GLU A 350 -15.22 -24.06 7.14
N VAL A 351 -16.36 -23.39 7.09
CA VAL A 351 -17.64 -24.05 7.25
C VAL A 351 -18.15 -24.59 5.92
N PHE A 352 -17.78 -25.83 5.61
CA PHE A 352 -18.17 -26.45 4.35
C PHE A 352 -19.57 -27.05 4.40
N ASN A 353 -19.93 -27.64 5.53
CA ASN A 353 -21.19 -28.38 5.63
C ASN A 353 -21.83 -28.25 7.01
N HIS A 354 -23.04 -28.79 7.14
CA HIS A 354 -23.79 -28.72 8.40
C HIS A 354 -23.12 -29.53 9.51
N THR A 355 -22.38 -30.57 9.14
CA THR A 355 -21.66 -31.37 10.12
C THR A 355 -20.55 -30.54 10.79
N ILE A 356 -19.92 -29.66 10.01
CA ILE A 356 -18.92 -28.74 10.54
C ILE A 356 -19.55 -27.82 11.58
N VAL A 357 -20.69 -27.22 11.22
CA VAL A 357 -21.44 -26.35 12.12
C VAL A 357 -21.75 -27.07 13.43
N GLU A 358 -22.32 -28.26 13.30
CA GLU A 358 -22.78 -29.03 14.43
C GLU A 358 -21.62 -29.50 15.32
N ASN A 359 -20.48 -29.79 14.70
CA ASN A 359 -19.29 -30.15 15.45
C ASN A 359 -18.69 -28.91 16.14
N SER A 360 -18.83 -27.76 15.49
CA SER A 360 -18.27 -26.52 16.01
C SER A 360 -19.00 -26.03 17.26
N VAL A 361 -20.33 -26.10 17.26
CA VAL A 361 -21.11 -25.52 18.35
C VAL A 361 -21.28 -26.49 19.52
N THR A 362 -20.79 -27.71 19.36
CA THR A 362 -20.88 -28.69 20.44
C THR A 362 -19.50 -29.09 20.93
N LEU A 363 -18.91 -30.07 20.27
CA LEU A 363 -17.69 -30.70 20.74
C LEU A 363 -16.46 -29.79 20.68
N TYR A 364 -16.42 -28.93 19.67
CA TYR A 364 -15.27 -28.05 19.47
C TYR A 364 -15.52 -26.63 19.98
N GLN A 365 -16.70 -26.40 20.56
CA GLN A 365 -17.06 -25.07 21.02
C GLN A 365 -16.04 -24.53 22.01
N SER A 366 -15.73 -25.32 23.02
CA SER A 366 -14.76 -24.91 24.04
C SER A 366 -13.31 -24.86 23.50
N PRO A 367 -12.84 -25.91 22.80
CA PRO A 367 -11.47 -25.81 22.28
C PRO A 367 -11.24 -24.64 21.32
N LEU A 368 -12.27 -24.24 20.57
CA LEU A 368 -12.16 -23.14 19.62
C LEU A 368 -12.11 -21.78 20.31
N VAL A 369 -12.90 -21.63 21.37
CA VAL A 369 -12.85 -20.41 22.17
C VAL A 369 -11.47 -20.26 22.79
N LYS A 370 -10.98 -21.36 23.36
CA LYS A 370 -9.64 -21.41 23.95
C LYS A 370 -8.55 -21.08 22.94
N ALA A 371 -8.84 -21.31 21.66
CA ALA A 371 -7.88 -21.05 20.60
C ALA A 371 -7.75 -19.56 20.30
N GLY A 372 -8.61 -18.75 20.92
CA GLY A 372 -8.52 -17.30 20.77
C GLY A 372 -9.77 -16.65 20.22
N VAL A 373 -10.14 -15.52 20.81
CA VAL A 373 -11.34 -14.80 20.42
C VAL A 373 -10.99 -13.42 19.83
N PRO A 374 -11.81 -12.91 18.90
CA PRO A 374 -13.03 -13.53 18.36
C PRO A 374 -12.76 -14.73 17.44
N VAL A 375 -13.67 -15.69 17.46
CA VAL A 375 -13.56 -16.89 16.64
C VAL A 375 -13.93 -16.53 15.21
N LEU A 376 -13.11 -16.98 14.26
CA LEU A 376 -13.29 -16.61 12.87
C LEU A 376 -13.98 -17.71 12.07
N PHE A 377 -15.02 -17.34 11.33
CA PHE A 377 -15.76 -18.31 10.53
C PHE A 377 -15.80 -17.95 9.05
N MET A 378 -15.68 -18.98 8.22
CA MET A 378 -15.75 -18.85 6.77
C MET A 378 -16.88 -19.70 6.22
N LEU A 379 -17.92 -19.06 5.69
CA LEU A 379 -19.05 -19.80 5.12
C LEU A 379 -18.81 -20.14 3.66
N VAL A 380 -18.52 -21.41 3.39
CA VAL A 380 -18.35 -21.90 2.03
C VAL A 380 -19.71 -22.22 1.44
N ALA A 381 -20.41 -21.20 0.96
CA ALA A 381 -21.78 -21.36 0.51
C ALA A 381 -21.86 -21.70 -0.98
N ALA A 382 -22.96 -22.36 -1.36
CA ALA A 382 -23.26 -22.73 -2.74
C ALA A 382 -22.25 -23.73 -3.32
N VAL A 383 -21.54 -24.43 -2.45
CA VAL A 383 -20.64 -25.51 -2.87
C VAL A 383 -21.19 -26.85 -2.41
N ASP A 384 -21.61 -27.69 -3.36
CA ASP A 384 -22.28 -28.94 -3.04
C ASP A 384 -21.40 -29.90 -2.22
N GLN A 385 -21.94 -30.32 -1.07
CA GLN A 385 -21.21 -31.18 -0.15
C GLN A 385 -21.95 -32.49 0.12
N TYR A 386 -21.19 -33.53 0.42
CA TYR A 386 -21.74 -34.82 0.83
C TYR A 386 -21.46 -35.10 2.30
N HIS A 387 -22.42 -35.70 2.98
CA HIS A 387 -22.13 -36.41 4.21
C HIS A 387 -22.14 -37.90 3.88
N ARG A 388 -21.17 -38.64 4.40
CA ARG A 388 -21.10 -40.06 4.12
C ARG A 388 -21.35 -40.90 5.38
N ASP A 389 -22.35 -41.76 5.31
CA ASP A 389 -22.63 -42.68 6.40
C ASP A 389 -21.48 -43.67 6.56
N PRO A 390 -20.84 -43.67 7.74
CA PRO A 390 -19.70 -44.55 8.02
C PRO A 390 -20.03 -46.04 7.88
N VAL A 391 -21.28 -46.41 8.14
CA VAL A 391 -21.68 -47.81 8.13
C VAL A 391 -21.96 -48.33 6.71
N SER A 392 -22.80 -47.62 5.97
CA SER A 392 -23.21 -48.10 4.64
C SER A 392 -22.35 -47.51 3.52
N GLY A 393 -21.97 -46.25 3.69
CA GLY A 393 -21.19 -45.57 2.67
C GLY A 393 -22.09 -44.68 1.82
N ASP A 394 -23.39 -44.72 2.10
CA ASP A 394 -24.36 -43.89 1.40
C ASP A 394 -24.07 -42.41 1.63
N THR A 395 -24.40 -41.59 0.64
CA THR A 395 -24.17 -40.16 0.74
C THR A 395 -25.48 -39.39 0.75
N SER A 396 -25.46 -38.25 1.41
CA SER A 396 -26.61 -37.36 1.45
C SER A 396 -26.12 -35.91 1.37
N ASP A 397 -27.03 -35.00 1.06
CA ASP A 397 -26.68 -33.60 0.89
C ASP A 397 -26.46 -32.91 2.23
N ASP A 398 -25.23 -32.47 2.47
CA ASP A 398 -24.89 -31.81 3.73
C ASP A 398 -24.54 -30.34 3.48
N SER A 399 -24.87 -29.85 2.30
CA SER A 399 -24.50 -28.49 1.88
C SER A 399 -25.23 -27.43 2.71
N LEU A 400 -24.56 -26.30 2.92
CA LEU A 400 -25.16 -25.17 3.63
C LEU A 400 -26.40 -24.70 2.89
N ILE A 401 -26.26 -24.58 1.57
CA ILE A 401 -27.41 -24.36 0.69
C ILE A 401 -27.69 -25.67 -0.02
N ASP A 402 -28.86 -26.26 0.23
CA ASP A 402 -29.17 -27.57 -0.35
C ASP A 402 -29.12 -27.50 -1.87
N VAL A 403 -28.70 -28.61 -2.48
CA VAL A 403 -28.52 -28.68 -3.93
C VAL A 403 -29.76 -28.28 -4.75
N PRO A 404 -30.96 -28.73 -4.35
CA PRO A 404 -32.12 -28.23 -5.10
C PRO A 404 -32.25 -26.70 -5.07
N THR A 405 -31.94 -26.09 -3.94
CA THR A 405 -32.02 -24.64 -3.81
C THR A 405 -30.91 -23.96 -4.60
N ARG A 406 -29.72 -24.56 -4.63
CA ARG A 406 -28.62 -24.00 -5.40
C ARG A 406 -28.96 -23.99 -6.89
N LYS A 407 -29.49 -25.11 -7.37
CA LYS A 407 -29.86 -25.25 -8.77
C LYS A 407 -30.97 -24.25 -9.13
N ALA A 408 -31.89 -24.03 -8.20
CA ALA A 408 -32.94 -23.04 -8.39
C ALA A 408 -32.34 -21.65 -8.50
N ILE A 409 -31.52 -21.27 -7.52
CA ILE A 409 -30.86 -19.97 -7.50
C ILE A 409 -30.06 -19.70 -8.78
N ALA A 410 -29.35 -20.71 -9.26
CA ALA A 410 -28.53 -20.59 -10.46
C ALA A 410 -29.38 -20.22 -11.68
N LYS A 411 -30.63 -20.68 -11.69
CA LYS A 411 -31.52 -20.38 -12.80
C LYS A 411 -32.01 -18.94 -12.78
N LEU A 412 -32.32 -18.42 -11.59
CA LEU A 412 -32.77 -17.05 -11.45
C LEU A 412 -31.67 -16.06 -11.83
N LEU A 413 -30.43 -16.47 -11.58
CA LEU A 413 -29.28 -15.65 -11.96
C LEU A 413 -29.18 -15.52 -13.47
N GLN A 414 -29.53 -16.60 -14.17
CA GLN A 414 -29.50 -16.61 -15.63
C GLN A 414 -30.61 -15.74 -16.21
N ALA A 415 -31.71 -15.62 -15.48
CA ALA A 415 -32.85 -14.80 -15.91
C ALA A 415 -32.42 -13.34 -16.07
N GLY A 416 -31.47 -12.92 -15.23
CA GLY A 416 -30.87 -11.60 -15.36
C GLY A 416 -31.73 -10.43 -14.95
N THR A 417 -33.01 -10.70 -14.66
CA THR A 417 -33.92 -9.63 -14.27
C THR A 417 -33.79 -9.33 -12.77
N ASP A 418 -34.17 -8.11 -12.40
CA ASP A 418 -34.03 -7.64 -11.02
C ASP A 418 -34.91 -8.44 -10.04
N ASP A 419 -36.04 -8.94 -10.54
CA ASP A 419 -36.96 -9.69 -9.70
C ASP A 419 -36.43 -11.09 -9.40
N ALA A 420 -35.74 -11.69 -10.38
CA ALA A 420 -35.13 -12.99 -10.17
C ALA A 420 -33.95 -12.87 -9.22
N HIS A 421 -33.34 -11.69 -9.18
CA HIS A 421 -32.22 -11.43 -8.30
C HIS A 421 -32.65 -11.43 -6.84
N GLU A 422 -33.71 -10.70 -6.55
CA GLU A 422 -34.24 -10.62 -5.18
C GLU A 422 -34.66 -11.98 -4.67
N LYS A 423 -35.34 -12.75 -5.52
CA LYS A 423 -35.75 -14.11 -5.17
C LYS A 423 -34.53 -14.99 -4.93
N ALA A 424 -33.47 -14.75 -5.70
CA ALA A 424 -32.22 -15.48 -5.53
C ALA A 424 -31.57 -15.13 -4.19
N VAL A 425 -31.62 -13.85 -3.84
CA VAL A 425 -31.04 -13.37 -2.58
C VAL A 425 -31.81 -13.94 -1.39
N GLU A 426 -33.12 -13.91 -1.47
CA GLU A 426 -33.97 -14.43 -0.39
C GLU A 426 -33.74 -15.92 -0.19
N LEU A 427 -33.62 -16.67 -1.29
CA LEU A 427 -33.37 -18.10 -1.22
C LEU A 427 -32.05 -18.40 -0.53
N ALA A 428 -31.02 -17.65 -0.90
CA ALA A 428 -29.69 -17.85 -0.33
C ALA A 428 -29.65 -17.47 1.15
N ALA A 429 -30.25 -16.34 1.48
CA ALA A 429 -30.25 -15.84 2.86
C ALA A 429 -31.05 -16.73 3.80
N THR A 430 -32.22 -17.19 3.35
CA THR A 430 -33.09 -18.03 4.16
C THR A 430 -32.40 -19.36 4.50
N GLN A 431 -31.64 -19.88 3.56
CA GLN A 431 -30.91 -21.13 3.75
C GLN A 431 -29.72 -20.99 4.69
N LEU A 432 -29.08 -19.82 4.64
CA LEU A 432 -27.85 -19.59 5.41
C LEU A 432 -28.14 -19.06 6.81
N ARG A 433 -29.26 -18.36 6.96
CA ARG A 433 -29.61 -17.73 8.23
C ARG A 433 -29.59 -18.65 9.46
N PRO A 434 -30.13 -19.88 9.35
CA PRO A 434 -30.05 -20.75 10.54
C PRO A 434 -28.62 -21.07 10.94
N THR A 435 -27.74 -21.26 9.95
CA THR A 435 -26.34 -21.53 10.23
C THR A 435 -25.66 -20.33 10.88
N VAL A 436 -25.89 -19.13 10.33
CA VAL A 436 -25.33 -17.92 10.88
C VAL A 436 -25.80 -17.72 12.32
N GLU A 437 -27.11 -17.77 12.54
CA GLU A 437 -27.67 -17.59 13.86
C GLU A 437 -27.16 -18.64 14.86
N LYS A 438 -26.99 -19.87 14.39
CA LYS A 438 -26.49 -20.94 15.24
C LYS A 438 -25.07 -20.63 15.73
N LEU A 439 -24.23 -20.11 14.85
CA LEU A 439 -22.85 -19.78 15.19
C LEU A 439 -22.76 -18.60 16.16
N ARG A 440 -23.58 -17.58 15.95
CA ARG A 440 -23.61 -16.42 16.84
C ARG A 440 -24.12 -16.80 18.24
N ASP A 441 -25.06 -17.72 18.30
CA ASP A 441 -25.66 -18.12 19.57
C ASP A 441 -24.70 -18.92 20.44
N ASN A 442 -23.80 -19.66 19.81
CA ASN A 442 -22.84 -20.48 20.53
C ASN A 442 -21.46 -19.84 20.64
N PHE A 443 -21.26 -18.72 19.96
CA PHE A 443 -20.00 -18.00 20.04
C PHE A 443 -20.25 -16.51 20.24
N PRO A 444 -20.27 -16.07 21.51
CA PRO A 444 -20.55 -14.67 21.88
C PRO A 444 -19.61 -13.68 21.20
N SER A 445 -18.38 -14.10 20.94
CA SER A 445 -17.42 -13.27 20.20
C SER A 445 -16.93 -14.00 18.96
N CYS A 446 -17.48 -13.65 17.80
CA CYS A 446 -17.08 -14.29 16.56
C CYS A 446 -17.28 -13.41 15.33
N LYS A 447 -16.48 -13.66 14.31
CA LYS A 447 -16.62 -12.99 13.01
C LYS A 447 -17.01 -14.01 11.96
N ILE A 448 -17.96 -13.64 11.11
CA ILE A 448 -18.42 -14.54 10.05
C ILE A 448 -18.29 -13.90 8.68
N SER A 449 -17.60 -14.58 7.77
CA SER A 449 -17.44 -14.10 6.40
C SER A 449 -18.12 -15.04 5.40
N LEU A 450 -18.33 -14.53 4.19
CA LEU A 450 -19.02 -15.28 3.15
C LEU A 450 -18.20 -15.38 1.87
N LEU A 451 -18.20 -16.56 1.25
CA LEU A 451 -17.67 -16.71 -0.10
C LEU A 451 -18.72 -17.38 -0.98
N LEU A 452 -18.69 -17.06 -2.27
CA LEU A 452 -19.58 -17.69 -3.23
C LEU A 452 -18.80 -17.98 -4.52
N PRO A 453 -18.97 -19.20 -5.06
CA PRO A 453 -18.26 -19.66 -6.25
C PRO A 453 -18.88 -19.18 -7.57
N GLY A 454 -18.06 -18.71 -8.49
CA GLY A 454 -18.48 -18.38 -9.84
C GLY A 454 -19.63 -17.40 -10.00
N PRO A 455 -20.74 -17.87 -10.60
CA PRO A 455 -21.90 -17.05 -10.97
C PRO A 455 -22.63 -16.42 -9.78
N PHE A 456 -22.62 -17.10 -8.65
CA PHE A 456 -23.37 -16.66 -7.47
C PHE A 456 -22.80 -15.38 -6.85
N GLN A 457 -21.65 -14.93 -7.34
CA GLN A 457 -20.99 -13.74 -6.79
C GLN A 457 -21.81 -12.48 -6.98
N ALA A 458 -22.85 -12.57 -7.81
CA ALA A 458 -23.79 -11.47 -7.97
C ALA A 458 -24.65 -11.33 -6.71
N LEU A 459 -24.65 -12.37 -5.88
CA LEU A 459 -25.43 -12.38 -4.65
C LEU A 459 -24.58 -12.02 -3.44
N LEU A 460 -23.27 -11.91 -3.66
CA LEU A 460 -22.30 -11.79 -2.58
C LEU A 460 -22.60 -10.62 -1.64
N VAL A 461 -22.73 -9.42 -2.18
CA VAL A 461 -22.97 -8.23 -1.36
C VAL A 461 -24.35 -8.26 -0.70
N ASP A 462 -25.39 -8.50 -1.49
CA ASP A 462 -26.76 -8.47 -0.98
C ASP A 462 -27.00 -9.51 0.11
N VAL A 463 -26.46 -10.72 -0.07
CA VAL A 463 -26.63 -11.77 0.93
C VAL A 463 -25.86 -11.44 2.19
N ALA A 464 -24.63 -10.94 2.02
CA ALA A 464 -23.79 -10.57 3.17
C ALA A 464 -24.43 -9.47 4.01
N ILE A 465 -25.07 -8.51 3.35
CA ILE A 465 -25.79 -7.45 4.04
C ILE A 465 -26.98 -8.01 4.81
N ALA A 466 -27.74 -8.86 4.14
CA ALA A 466 -28.95 -9.45 4.71
C ALA A 466 -28.66 -10.24 5.98
N LEU A 467 -27.53 -10.94 5.98
CA LEU A 467 -27.15 -11.77 7.11
C LEU A 467 -26.33 -10.99 8.13
N ASP A 468 -26.09 -9.72 7.82
CA ASP A 468 -25.31 -8.84 8.70
C ASP A 468 -23.94 -9.45 9.01
N LEU A 469 -23.27 -9.94 7.98
CA LEU A 469 -21.97 -10.59 8.15
C LEU A 469 -20.85 -9.58 8.34
N ASP A 470 -19.69 -10.07 8.73
CA ASP A 470 -18.57 -9.19 9.06
C ASP A 470 -17.60 -9.04 7.90
N GLY A 471 -17.50 -10.06 7.07
CA GLY A 471 -16.54 -10.06 5.99
C GLY A 471 -17.03 -10.70 4.70
N ILE A 472 -16.42 -10.30 3.60
CA ILE A 472 -16.73 -10.86 2.28
C ILE A 472 -15.44 -11.32 1.62
N ARG A 473 -15.46 -12.53 1.04
CA ARG A 473 -14.28 -13.05 0.37
C ARG A 473 -14.45 -13.14 -1.14
N VAL A 474 -13.41 -12.73 -1.87
CA VAL A 474 -13.36 -12.90 -3.32
C VAL A 474 -11.97 -13.40 -3.73
N GLY A 475 -11.80 -13.68 -5.01
CA GLY A 475 -10.51 -14.14 -5.51
C GLY A 475 -10.64 -15.19 -6.60
N LEU A 476 -9.52 -15.46 -7.28
CA LEU A 476 -9.53 -16.43 -8.36
C LEU A 476 -9.82 -17.84 -7.87
N GLU A 477 -9.57 -18.08 -6.58
CA GLU A 477 -9.90 -19.36 -5.96
C GLU A 477 -11.38 -19.68 -6.11
N ASP A 478 -12.22 -18.65 -6.01
CA ASP A 478 -13.67 -18.84 -6.04
C ASP A 478 -14.25 -18.64 -7.43
N ALA A 479 -13.82 -17.57 -8.11
CA ALA A 479 -14.34 -17.24 -9.43
C ALA A 479 -13.26 -16.69 -10.32
N LEU A 480 -13.33 -17.00 -11.61
CA LEU A 480 -12.31 -16.56 -12.56
C LEU A 480 -12.78 -15.36 -13.39
N ASN A 481 -14.05 -15.00 -13.24
CA ASN A 481 -14.60 -13.87 -13.98
C ASN A 481 -14.85 -12.66 -13.09
N VAL A 482 -15.12 -11.53 -13.72
CA VAL A 482 -15.48 -10.31 -13.00
C VAL A 482 -16.53 -9.55 -13.81
N PHE A 483 -17.48 -8.92 -13.13
CA PHE A 483 -18.52 -8.17 -13.81
C PHE A 483 -18.00 -6.81 -14.27
N ASP A 484 -18.22 -6.51 -15.54
CA ASP A 484 -17.81 -5.23 -16.12
C ASP A 484 -18.88 -4.75 -17.09
N ALA A 485 -19.55 -3.67 -16.72
CA ALA A 485 -20.67 -3.15 -17.51
C ALA A 485 -20.23 -2.61 -18.87
N ARG A 486 -18.96 -2.24 -18.98
CA ARG A 486 -18.43 -1.70 -20.23
C ARG A 486 -18.30 -2.77 -21.32
N VAL A 487 -18.33 -4.03 -20.89
CA VAL A 487 -18.14 -5.15 -21.80
C VAL A 487 -19.48 -5.73 -22.26
N PRO A 488 -19.62 -5.98 -23.57
CA PRO A 488 -20.83 -6.65 -24.08
C PRO A 488 -21.00 -8.03 -23.44
N GLY A 489 -22.11 -8.21 -22.74
CA GLY A 489 -22.35 -9.43 -21.98
C GLY A 489 -22.21 -9.17 -20.50
N GLY A 490 -21.47 -8.12 -20.15
CA GLY A 490 -21.33 -7.69 -18.77
C GLY A 490 -20.31 -8.44 -17.94
N VAL A 491 -19.71 -9.47 -18.53
CA VAL A 491 -18.76 -10.29 -17.81
C VAL A 491 -17.50 -10.57 -18.64
N ARG A 492 -16.35 -10.67 -17.97
CA ARG A 492 -15.08 -10.98 -18.61
C ARG A 492 -14.15 -11.70 -17.65
N LYS A 493 -13.03 -12.18 -18.15
CA LYS A 493 -12.04 -12.83 -17.32
C LYS A 493 -11.42 -11.82 -16.37
N ALA A 494 -11.26 -12.21 -15.10
CA ALA A 494 -10.67 -11.32 -14.11
C ALA A 494 -9.16 -11.26 -14.28
N CYS A 495 -8.62 -10.04 -14.34
CA CYS A 495 -7.20 -9.83 -14.55
C CYS A 495 -6.39 -10.04 -13.28
N GLY A 496 -6.93 -10.83 -12.37
CA GLY A 496 -6.30 -11.07 -11.09
C GLY A 496 -7.30 -10.85 -9.97
N THR A 497 -6.93 -11.20 -8.75
CA THR A 497 -7.81 -11.04 -7.61
C THR A 497 -8.06 -9.56 -7.32
N GLY A 498 -7.03 -8.74 -7.53
CA GLY A 498 -7.15 -7.31 -7.33
C GLY A 498 -8.25 -6.70 -8.18
N ASP A 499 -8.45 -7.28 -9.36
CA ASP A 499 -9.53 -6.88 -10.24
C ASP A 499 -10.88 -7.07 -9.56
N GLN A 500 -11.04 -8.23 -8.91
CA GLN A 500 -12.30 -8.57 -8.25
C GLN A 500 -12.49 -7.81 -6.94
N VAL A 501 -11.39 -7.53 -6.23
CA VAL A 501 -11.45 -6.74 -5.02
C VAL A 501 -11.89 -5.31 -5.36
N ARG A 502 -11.39 -4.80 -6.48
CA ARG A 502 -11.76 -3.48 -6.95
C ARG A 502 -13.25 -3.42 -7.25
N TRP A 503 -13.75 -4.45 -7.92
CA TRP A 503 -15.17 -4.55 -8.23
C TRP A 503 -16.01 -4.59 -6.95
N LEU A 504 -15.58 -5.39 -5.99
CA LEU A 504 -16.29 -5.51 -4.71
C LEU A 504 -16.27 -4.20 -3.93
N ARG A 505 -15.14 -3.53 -3.93
CA ARG A 505 -14.99 -2.27 -3.21
C ARG A 505 -15.90 -1.19 -3.78
N ARG A 506 -15.91 -1.04 -5.10
CA ARG A 506 -16.75 -0.03 -5.74
C ARG A 506 -18.22 -0.34 -5.54
N GLU A 507 -18.53 -1.63 -5.48
CA GLU A 507 -19.90 -2.08 -5.23
C GLU A 507 -20.37 -1.66 -3.84
N LEU A 508 -19.49 -1.77 -2.87
CA LEU A 508 -19.80 -1.37 -1.50
C LEU A 508 -19.87 0.15 -1.38
N GLU A 509 -19.00 0.85 -2.11
CA GLU A 509 -19.00 2.31 -2.13
C GLU A 509 -20.33 2.84 -2.67
N ARG A 510 -20.85 2.17 -3.68
CA ARG A 510 -22.14 2.51 -4.28
C ARG A 510 -23.26 2.53 -3.23
N ARG A 511 -23.15 1.65 -2.24
CA ARG A 511 -24.20 1.48 -1.24
C ARG A 511 -23.90 2.23 0.06
N GLY A 512 -22.80 2.98 0.06
CA GLY A 512 -22.41 3.72 1.26
C GLY A 512 -21.78 2.82 2.32
N ILE A 513 -21.35 1.64 1.91
CA ILE A 513 -20.72 0.70 2.82
C ILE A 513 -19.20 0.77 2.69
N GLY A 514 -18.53 1.01 3.81
CA GLY A 514 -17.08 1.12 3.81
C GLY A 514 -16.37 -0.21 3.99
N ILE A 515 -15.05 -0.20 3.88
CA ILE A 515 -14.27 -1.41 4.10
C ILE A 515 -13.22 -1.19 5.19
N VAL A 516 -12.80 -2.29 5.82
CA VAL A 516 -11.83 -2.22 6.90
C VAL A 516 -10.44 -2.61 6.40
N ASP A 517 -9.47 -1.74 6.63
CA ASP A 517 -8.08 -2.03 6.25
C ASP A 517 -7.46 -3.01 7.24
N ALA A 518 -6.31 -3.56 6.86
CA ALA A 518 -5.63 -4.57 7.66
C ALA A 518 -5.28 -4.10 9.07
N GLU A 519 -4.72 -2.90 9.17
CA GLU A 519 -4.30 -2.34 10.46
C GLU A 519 -5.46 -2.24 11.45
N THR A 520 -6.59 -1.72 10.96
CA THR A 520 -7.78 -1.59 11.79
C THR A 520 -8.32 -2.96 12.20
N LEU A 521 -8.28 -3.91 11.26
CA LEU A 521 -8.81 -5.24 11.51
C LEU A 521 -7.99 -5.99 12.54
N ARG A 522 -6.67 -5.80 12.50
CA ARG A 522 -5.79 -6.44 13.47
C ARG A 522 -6.14 -6.00 14.89
N ASP A 523 -6.64 -4.78 15.04
CA ASP A 523 -7.12 -4.32 16.34
C ASP A 523 -8.43 -5.01 16.72
N GLU A 524 -9.35 -5.11 15.75
CA GLU A 524 -10.64 -5.74 15.98
C GLU A 524 -10.53 -7.22 16.34
N LEU A 525 -9.50 -7.88 15.82
CA LEU A 525 -9.35 -9.32 16.01
C LEU A 525 -8.33 -9.64 17.09
N GLY A 526 -7.69 -8.60 17.63
CA GLY A 526 -6.65 -8.78 18.62
C GLY A 526 -5.37 -9.37 18.02
N MET A 527 -4.94 -8.82 16.90
CA MET A 527 -3.76 -9.32 16.19
C MET A 527 -2.77 -8.23 15.82
N SER A 528 -2.68 -7.21 16.68
CA SER A 528 -1.79 -6.08 16.39
C SER A 528 -0.33 -6.53 16.30
N ARG A 529 0.42 -5.90 15.40
CA ARG A 529 1.83 -6.22 15.21
C ARG A 529 2.64 -5.86 16.46
N PRO A 530 3.76 -6.56 16.67
CA PRO A 530 4.62 -6.34 17.85
C PRO A 530 5.07 -4.89 18.03
N ASP A 531 5.47 -4.22 16.95
CA ASP A 531 5.98 -2.85 17.06
C ASP A 531 4.86 -1.87 17.41
N VAL A 532 3.66 -2.12 16.85
CA VAL A 532 2.48 -1.34 17.20
C VAL A 532 2.15 -1.53 18.68
N ALA A 533 2.26 -2.77 19.14
CA ALA A 533 1.99 -3.09 20.54
C ALA A 533 3.02 -2.44 21.47
N LEU A 534 4.26 -2.39 21.02
CA LEU A 534 5.34 -1.83 21.83
C LEU A 534 5.15 -0.33 22.02
N PHE A 535 4.74 0.35 20.96
CA PHE A 535 4.49 1.79 21.02
C PHE A 535 3.32 2.11 21.95
N ARG A 536 2.25 1.31 21.86
CA ARG A 536 1.10 1.49 22.74
C ARG A 536 1.45 1.18 24.19
N GLN A 537 2.46 0.34 24.37
CA GLN A 537 2.96 0.03 25.71
C GLN A 537 3.68 1.25 26.30
N ALA A 538 4.35 2.01 25.44
CA ALA A 538 5.01 3.25 25.86
C ALA A 538 3.99 4.33 26.12
N GLU A 539 3.00 4.38 25.24
CA GLU A 539 1.91 5.32 25.37
C GLU A 539 1.19 5.12 26.70
N ALA A 540 1.03 3.85 27.08
CA ALA A 540 0.39 3.50 28.34
C ALA A 540 1.27 3.86 29.54
N ALA A 541 2.57 3.62 29.43
CA ALA A 541 3.50 3.86 30.53
C ALA A 541 3.67 5.35 30.83
N LEU A 542 3.41 6.19 29.83
CA LEU A 542 3.58 7.63 29.98
C LEU A 542 2.23 8.35 30.08
N ALA A 543 1.16 7.57 30.24
CA ALA A 543 -0.20 8.08 30.13
C ALA A 543 -0.54 9.16 31.16
N HIS A 544 0.09 9.09 32.33
CA HIS A 544 -0.26 10.00 33.43
C HIS A 544 0.68 11.18 33.52
N TYR A 545 1.64 11.26 32.61
CA TYR A 545 2.57 12.38 32.58
C TYR A 545 2.08 13.45 31.62
N PRO A 546 2.18 14.73 32.02
CA PRO A 546 1.84 15.87 31.17
C PRO A 546 2.89 16.08 30.08
N ALA A 547 2.46 16.61 28.93
CA ALA A 547 3.36 16.86 27.82
C ALA A 547 4.17 18.14 28.02
N ASP A 548 3.99 18.78 29.17
CA ASP A 548 4.71 20.01 29.50
C ASP A 548 6.12 19.69 30.00
N GLU A 549 7.12 20.25 29.33
CA GLU A 549 8.52 20.02 29.69
C GLU A 549 8.87 20.59 31.07
N ARG A 550 8.04 21.52 31.54
CA ARG A 550 8.27 22.15 32.84
C ARG A 550 7.79 21.27 33.98
N LEU A 551 7.01 20.24 33.66
CA LEU A 551 6.35 19.44 34.69
C LEU A 551 6.84 18.00 34.77
N VAL A 552 7.84 17.65 33.97
CA VAL A 552 8.35 16.29 33.97
C VAL A 552 9.81 16.25 33.51
N SER A 553 10.60 15.36 34.11
CA SER A 553 12.02 15.24 33.79
C SER A 553 12.27 14.07 32.86
N ALA A 554 13.40 14.11 32.16
CA ALA A 554 13.79 13.03 31.25
C ALA A 554 14.08 11.74 32.03
N ASP A 555 14.66 11.88 33.21
CA ASP A 555 14.95 10.73 34.06
C ASP A 555 13.67 9.98 34.43
N THR A 556 12.62 10.72 34.73
CA THR A 556 11.33 10.13 35.09
C THR A 556 10.74 9.40 33.88
N ILE A 557 10.81 10.04 32.71
CA ILE A 557 10.32 9.44 31.48
C ILE A 557 11.09 8.17 31.15
N LEU A 558 12.41 8.24 31.21
CA LEU A 558 13.27 7.10 30.95
C LEU A 558 13.00 5.97 31.95
N ASP A 559 12.71 6.34 33.19
CA ASP A 559 12.45 5.37 34.24
C ASP A 559 11.16 4.59 33.95
N ALA A 560 10.16 5.27 33.40
CA ALA A 560 8.89 4.64 33.10
C ALA A 560 8.97 3.70 31.89
N LEU A 561 9.98 3.91 31.05
CA LEU A 561 10.12 3.14 29.82
C LEU A 561 11.08 1.96 29.98
N HIS A 562 11.47 1.69 31.23
CA HIS A 562 12.48 0.67 31.51
C HIS A 562 12.17 -0.72 30.92
N PRO A 563 10.92 -1.22 31.11
CA PRO A 563 10.68 -2.55 30.53
C PRO A 563 10.69 -2.55 29.01
N ILE A 564 10.40 -1.40 28.41
CA ILE A 564 10.37 -1.27 26.96
C ILE A 564 11.78 -1.18 26.37
N VAL A 565 12.66 -0.50 27.09
CA VAL A 565 14.07 -0.47 26.73
C VAL A 565 14.62 -1.89 26.67
N ASP A 566 14.24 -2.70 27.65
CA ASP A 566 14.69 -4.09 27.70
C ASP A 566 14.17 -4.86 26.49
N THR A 567 12.91 -4.63 26.14
CA THR A 567 12.31 -5.24 24.97
C THR A 567 13.09 -4.87 23.70
N TYR A 568 13.44 -3.61 23.58
CA TYR A 568 14.20 -3.14 22.43
C TYR A 568 15.61 -3.73 22.40
N ARG A 569 16.23 -3.82 23.57
CA ARG A 569 17.60 -4.35 23.68
C ARG A 569 17.70 -5.75 23.09
N LYS A 570 16.66 -6.56 23.30
CA LYS A 570 16.64 -7.92 22.77
C LYS A 570 16.56 -7.92 21.25
N ILE A 571 15.80 -6.97 20.70
CA ILE A 571 15.72 -6.80 19.25
C ILE A 571 17.07 -6.38 18.69
N GLU A 572 17.73 -5.46 19.36
CA GLU A 572 19.03 -4.94 18.92
C GLU A 572 20.09 -6.03 18.99
N ASP A 573 19.98 -6.91 19.98
CA ASP A 573 20.88 -8.05 20.11
C ASP A 573 20.80 -8.95 18.87
N ARG A 574 19.59 -9.18 18.39
CA ARG A 574 19.37 -10.02 17.22
C ARG A 574 19.91 -9.37 15.95
N LEU A 575 19.83 -8.04 15.88
CA LEU A 575 20.39 -7.32 14.75
C LEU A 575 21.91 -7.35 14.80
N ALA A 576 22.45 -7.23 16.01
CA ALA A 576 23.89 -7.23 16.22
C ALA A 576 24.50 -8.58 15.85
N ALA A 577 23.82 -9.66 16.22
CA ALA A 577 24.30 -11.00 15.93
C ALA A 577 24.28 -11.28 14.44
N HIS A 578 23.24 -10.81 13.76
CA HIS A 578 23.11 -10.99 12.33
C HIS A 578 24.20 -10.23 11.57
N LEU A 579 24.56 -9.06 12.07
CA LEU A 579 25.61 -8.25 11.46
C LEU A 579 26.99 -8.83 11.74
N ALA A 580 27.11 -9.57 12.85
CA ALA A 580 28.37 -10.18 13.21
C ALA A 580 28.47 -11.61 12.65
N SER A 581 27.68 -11.89 11.63
CA SER A 581 27.73 -13.17 10.94
C SER A 581 28.35 -13.00 9.57
N ALA A 582 29.67 -13.21 9.49
CA ALA A 582 30.43 -13.00 8.27
C ALA A 582 29.97 -13.93 7.14
N PRO A 586 30.59 -11.23 3.03
CA PRO A 586 29.98 -9.92 3.30
C PRO A 586 30.17 -8.95 2.14
N ALA A 587 30.99 -7.92 2.35
CA ALA A 587 31.29 -6.95 1.31
C ALA A 587 32.58 -6.21 1.61
N ASP A 588 33.14 -5.56 0.59
CA ASP A 588 34.38 -4.79 0.73
C ASP A 588 34.21 -3.30 0.46
N PRO A 589 33.50 -2.92 -0.64
CA PRO A 589 33.35 -1.47 -0.84
C PRO A 589 32.36 -0.85 0.15
N ALA A 590 31.89 0.36 -0.17
CA ALA A 590 30.92 1.04 0.69
C ALA A 590 29.51 0.51 0.45
N ALA A 591 29.42 -0.78 0.14
CA ALA A 591 28.14 -1.46 -0.01
C ALA A 591 27.75 -2.13 1.29
N LEU A 592 28.60 -1.98 2.30
CA LEU A 592 28.29 -2.43 3.65
C LEU A 592 27.05 -1.70 4.16
N ALA A 593 26.95 -0.43 3.80
CA ALA A 593 25.80 0.40 4.16
C ALA A 593 24.51 -0.20 3.62
N GLU A 594 24.54 -0.67 2.38
CA GLU A 594 23.38 -1.31 1.78
C GLU A 594 23.03 -2.59 2.51
N HIS A 595 24.04 -3.28 3.01
CA HIS A 595 23.83 -4.50 3.78
C HIS A 595 23.25 -4.19 5.15
N VAL A 596 23.84 -3.20 5.80
CA VAL A 596 23.40 -2.78 7.13
C VAL A 596 21.97 -2.26 7.11
N LEU A 597 21.70 -1.34 6.20
CA LEU A 597 20.37 -0.73 6.08
C LEU A 597 19.28 -1.76 5.80
N THR A 598 19.59 -2.74 4.96
CA THR A 598 18.63 -3.81 4.66
C THR A 598 18.39 -4.68 5.90
N ALA A 599 19.46 -4.95 6.63
CA ALA A 599 19.35 -5.72 7.87
C ALA A 599 18.54 -4.95 8.91
N ALA A 600 18.83 -3.66 9.03
CA ALA A 600 18.15 -2.80 9.98
C ALA A 600 16.65 -2.72 9.69
N ARG A 601 16.31 -2.42 8.44
CA ARG A 601 14.91 -2.28 8.04
C ARG A 601 14.12 -3.56 8.29
N SER A 602 14.75 -4.70 8.05
CA SER A 602 14.09 -5.99 8.21
C SER A 602 13.83 -6.33 9.68
N PHE A 603 14.68 -5.81 10.56
CA PHE A 603 14.49 -6.02 11.99
C PHE A 603 13.59 -4.95 12.61
N GLY A 604 13.10 -4.05 11.76
CA GLY A 604 12.18 -3.01 12.20
C GLY A 604 12.86 -1.73 12.64
N ILE A 605 14.19 -1.78 12.75
CA ILE A 605 14.98 -0.62 13.14
C ILE A 605 15.29 0.27 11.94
N THR A 606 14.76 1.49 11.95
CA THR A 606 14.96 2.41 10.84
C THR A 606 16.07 3.41 11.14
N ILE A 607 17.23 3.23 10.52
CA ILE A 607 18.32 4.18 10.64
C ILE A 607 17.93 5.48 9.96
N ARG A 608 17.85 6.56 10.74
CA ARG A 608 17.39 7.84 10.21
C ARG A 608 18.55 8.74 9.80
N SER A 609 18.33 9.55 8.77
CA SER A 609 19.32 10.49 8.29
C SER A 609 19.11 11.87 8.93
N PHE A 610 19.83 12.11 10.02
CA PHE A 610 19.74 13.38 10.73
C PHE A 610 20.65 14.41 10.07
N VAL A 611 20.14 15.62 9.88
CA VAL A 611 20.94 16.71 9.36
C VAL A 611 22.06 17.05 10.34
N GLU A 612 21.73 16.98 11.62
CA GLU A 612 22.66 17.32 12.69
C GLU A 612 23.47 16.11 13.16
N GLU A 613 23.52 15.08 12.34
CA GLU A 613 24.26 13.85 12.68
C GLU A 613 25.76 14.14 12.74
N LEU A 614 26.20 15.18 12.05
CA LEU A 614 27.61 15.56 12.02
C LEU A 614 28.12 16.06 13.38
N ASP A 615 27.19 16.36 14.28
CA ASP A 615 27.54 16.82 15.62
C ASP A 615 28.30 15.75 16.40
N ARG A 616 28.10 14.49 16.00
CA ARG A 616 28.76 13.36 16.65
C ARG A 616 30.12 13.06 16.02
N TYR A 617 30.38 13.67 14.87
CA TYR A 617 31.63 13.44 14.15
C TYR A 617 32.71 14.42 14.56
N GLU A 618 33.90 13.89 14.84
CA GLU A 618 35.03 14.70 15.30
C GLU A 618 35.52 15.66 14.22
N ASP A 619 35.77 15.12 13.03
CA ASP A 619 36.28 15.92 11.91
C ASP A 619 35.15 16.35 10.99
N HIS A 620 34.16 17.05 11.54
CA HIS A 620 32.99 17.47 10.76
C HIS A 620 33.31 18.63 9.82
N GLU A 621 34.24 19.49 10.23
CA GLU A 621 34.59 20.65 9.44
C GLU A 621 35.24 20.26 8.12
N TYR A 622 35.86 19.08 8.08
CA TYR A 622 36.54 18.61 6.89
C TYR A 622 35.76 17.50 6.20
N LEU A 623 34.44 17.47 6.42
CA LEU A 623 33.59 16.44 5.83
C LEU A 623 32.67 17.03 4.76
N VAL A 624 32.44 16.27 3.68
CA VAL A 624 31.69 16.77 2.52
C VAL A 624 30.18 16.68 2.70
N ALA A 625 29.73 15.71 3.50
CA ALA A 625 28.32 15.56 3.90
C ALA A 625 27.38 15.13 2.77
N ARG A 626 27.85 15.09 1.53
CA ARG A 626 27.03 14.58 0.45
C ARG A 626 27.12 13.06 0.42
N TYR A 627 28.22 12.54 0.97
CA TYR A 627 28.38 11.11 1.18
C TYR A 627 28.32 10.83 2.68
N ILE A 628 27.25 11.29 3.33
CA ILE A 628 27.10 11.16 4.77
C ILE A 628 26.17 10.01 5.15
N GLN A 629 25.54 9.40 4.14
CA GLN A 629 24.62 8.30 4.38
C GLN A 629 25.38 6.99 4.60
N ILE A 630 26.42 6.78 3.79
CA ILE A 630 27.26 5.59 3.90
C ILE A 630 27.93 5.45 5.28
N PRO A 631 28.55 6.52 5.81
CA PRO A 631 29.17 6.34 7.13
C PRO A 631 28.16 6.26 8.27
N GLN A 632 26.96 6.78 8.05
CA GLN A 632 25.88 6.66 9.03
C GLN A 632 25.63 5.19 9.34
N ALA A 633 25.44 4.40 8.29
CA ALA A 633 25.19 2.97 8.42
C ALA A 633 26.40 2.23 8.98
N LEU A 634 27.59 2.67 8.58
CA LEU A 634 28.82 2.04 9.05
C LEU A 634 29.02 2.25 10.55
N ASN A 635 28.94 3.49 10.98
CA ASN A 635 29.09 3.81 12.40
C ASN A 635 27.97 3.19 13.23
N PHE A 636 26.78 3.08 12.64
CA PHE A 636 25.66 2.43 13.29
C PHE A 636 26.01 0.98 13.62
N ALA A 637 26.63 0.30 12.66
CA ALA A 637 27.06 -1.07 12.86
C ALA A 637 28.12 -1.14 13.96
N ARG A 638 29.08 -0.21 13.91
CA ARG A 638 30.10 -0.10 14.95
C ARG A 638 29.46 0.18 16.30
N GLU A 639 28.41 1.00 16.29
CA GLU A 639 27.73 1.42 17.50
C GLU A 639 27.01 0.26 18.17
N LEU A 640 26.66 -0.75 17.39
CA LEU A 640 25.90 -1.90 17.89
C LEU A 640 26.80 -3.06 18.29
N LEU A 641 27.91 -3.22 17.59
CA LEU A 641 28.78 -4.38 17.79
C LEU A 641 29.80 -4.18 18.90
N VAL A 642 30.33 -2.97 19.01
CA VAL A 642 31.34 -2.65 20.03
C VAL A 642 30.88 -2.91 21.48
N PRO A 643 29.67 -2.45 21.87
CA PRO A 643 29.31 -2.65 23.28
C PRO A 643 29.16 -4.13 23.66
N ARG A 644 28.88 -4.98 22.66
CA ARG A 644 28.64 -6.39 22.93
C ARG A 644 29.90 -7.23 22.78
N GLY A 645 30.96 -6.61 22.25
CA GLY A 645 32.24 -7.28 22.14
C GLY A 645 32.50 -7.89 20.77
N TYR A 646 31.60 -7.64 19.83
CA TYR A 646 31.78 -8.14 18.46
C TYR A 646 32.88 -7.38 17.74
N SER A 647 33.54 -8.05 16.81
CA SER A 647 34.57 -7.43 16.00
C SER A 647 33.97 -6.41 15.02
N ILE A 648 34.60 -5.25 14.93
CA ILE A 648 34.19 -4.25 13.96
C ILE A 648 35.31 -4.05 12.94
N GLU A 649 36.18 -5.04 12.85
CA GLU A 649 37.34 -4.99 11.94
C GLU A 649 36.91 -4.91 10.49
N ALA A 650 35.82 -5.58 10.15
CA ALA A 650 35.25 -5.50 8.80
C ALA A 650 34.84 -4.06 8.53
N TYR A 651 34.15 -3.46 9.50
CA TYR A 651 33.82 -2.05 9.45
C TYR A 651 35.08 -1.26 9.75
N ASP A 652 34.95 0.05 9.92
CA ASP A 652 36.09 0.97 9.87
C ASP A 652 36.77 0.83 8.52
N ARG A 653 36.03 0.30 7.55
CA ARG A 653 36.44 0.27 6.15
C ARG A 653 36.11 1.63 5.56
N ALA A 654 35.60 2.51 6.42
CA ALA A 654 35.37 3.90 6.09
C ALA A 654 36.69 4.60 5.78
N LEU A 655 37.79 3.96 6.16
CA LEU A 655 39.12 4.41 5.78
C LEU A 655 39.25 4.41 4.25
N GLU A 656 38.55 3.47 3.61
CA GLU A 656 38.49 3.42 2.16
C GLU A 656 37.37 4.32 1.63
N ASP A 657 37.23 5.49 2.25
CA ASP A 657 36.22 6.45 1.85
C ASP A 657 36.66 7.87 2.24
N TYR A 658 36.05 8.88 1.62
CA TYR A 658 36.38 10.26 1.90
C TYR A 658 35.24 11.21 1.49
N SER A 671 38.48 11.96 9.90
CA SER A 671 37.88 10.69 9.50
C SER A 671 36.36 10.70 9.61
N TYR A 672 35.72 9.75 8.96
CA TYR A 672 34.27 9.58 9.06
C TYR A 672 33.92 8.61 10.18
N SER A 673 34.93 8.16 10.91
CA SER A 673 34.73 7.29 12.05
C SER A 673 34.21 8.12 13.22
N VAL A 674 33.19 7.61 13.91
CA VAL A 674 32.65 8.29 15.08
C VAL A 674 33.38 7.82 16.33
N ARG A 675 33.86 8.78 17.13
CA ARG A 675 34.55 8.49 18.38
C ARG A 675 33.66 7.64 19.30
N VAL A 676 34.29 6.80 20.10
CA VAL A 676 33.57 5.84 20.94
C VAL A 676 32.71 6.53 21.99
N ASP A 677 33.21 7.62 22.57
CA ASP A 677 32.45 8.31 23.62
C ASP A 677 31.38 9.22 23.02
N GLN A 678 31.22 9.16 21.70
CA GLN A 678 30.10 9.81 21.04
C GLN A 678 29.03 8.79 20.65
N PHE A 679 29.25 7.55 21.06
CA PHE A 679 28.26 6.50 20.85
C PHE A 679 27.02 6.75 21.68
N LYS A 680 25.85 6.53 21.09
CA LYS A 680 24.59 6.68 21.79
C LYS A 680 24.41 5.54 22.79
N PRO A 681 24.07 5.87 24.04
CA PRO A 681 23.73 4.86 25.04
C PRO A 681 22.46 4.08 24.66
N LEU A 682 22.22 2.95 25.31
CA LEU A 682 21.09 2.09 24.97
C LEU A 682 19.71 2.78 25.03
N PRO A 683 19.39 3.50 26.13
CA PRO A 683 18.06 4.12 26.17
C PRO A 683 17.83 5.15 25.06
N LEU A 684 18.88 5.84 24.63
CA LEU A 684 18.76 6.81 23.56
C LEU A 684 18.43 6.11 22.24
N ARG A 685 19.05 4.97 22.00
CA ARG A 685 18.78 4.21 20.79
C ARG A 685 17.36 3.66 20.80
N CYS A 686 16.87 3.35 22.00
CA CYS A 686 15.51 2.85 22.16
C CYS A 686 14.49 3.93 21.82
N LEU A 687 14.73 5.14 22.34
CA LEU A 687 13.86 6.28 22.09
C LEU A 687 13.78 6.57 20.59
N GLU A 688 14.94 6.51 19.93
CA GLU A 688 15.00 6.76 18.49
C GLU A 688 14.19 5.72 17.73
N TYR A 689 14.21 4.48 18.23
CA TYR A 689 13.44 3.40 17.64
C TYR A 689 11.94 3.65 17.82
N LEU A 690 11.53 4.01 19.04
CA LEU A 690 10.13 4.21 19.36
C LEU A 690 9.46 5.29 18.50
N VAL A 691 10.13 6.43 18.35
CA VAL A 691 9.56 7.53 17.58
C VAL A 691 9.57 7.24 16.09
N GLY A 692 10.20 6.13 15.70
CA GLY A 692 10.26 5.72 14.30
C GLY A 692 9.22 4.67 13.94
N ILE A 693 8.52 4.15 14.94
CA ILE A 693 7.48 3.16 14.70
C ILE A 693 6.26 3.74 13.95
N PRO A 694 5.75 4.91 14.37
CA PRO A 694 4.63 5.43 13.58
C PRO A 694 5.05 5.87 12.18
N CYS A 695 4.19 5.64 11.20
CA CYS A 695 4.40 6.09 9.83
C CYS A 695 5.72 5.60 9.24
N ARG A 696 5.94 4.30 9.32
CA ARG A 696 7.10 3.63 8.75
C ARG A 696 6.98 3.48 7.24
N TYR A 697 8.12 3.31 6.56
CA TYR A 697 8.13 2.85 5.18
C TYR A 697 8.12 1.32 5.19
N ASN A 698 7.60 0.71 4.13
CA ASN A 698 7.82 -0.70 3.92
C ASN A 698 9.22 -0.90 3.33
N SER A 699 9.61 -2.15 3.09
CA SER A 699 11.00 -2.47 2.80
C SER A 699 11.59 -1.74 1.58
N ASP A 700 10.79 -1.48 0.56
CA ASP A 700 11.31 -0.86 -0.66
C ASP A 700 10.68 0.50 -0.96
N TYR A 701 10.12 1.13 0.07
CA TYR A 701 9.54 2.47 -0.03
C TYR A 701 8.39 2.54 -1.03
N SER A 702 7.56 1.51 -1.03
CA SER A 702 6.37 1.44 -1.89
C SER A 702 5.14 1.99 -1.18
N ASN A 703 5.21 2.06 0.15
CA ASN A 703 4.02 2.37 0.93
C ASN A 703 4.38 2.87 2.33
N VAL A 704 3.41 3.45 3.01
CA VAL A 704 3.60 3.90 4.38
C VAL A 704 2.69 3.10 5.31
N VAL A 705 3.28 2.56 6.38
CA VAL A 705 2.54 1.71 7.31
C VAL A 705 2.46 2.32 8.71
N ASN A 706 1.69 1.67 9.59
CA ASN A 706 1.47 2.14 10.96
C ASN A 706 0.91 3.56 11.01
N LEU A 707 -0.10 3.82 10.19
CA LEU A 707 -0.74 5.13 10.13
C LEU A 707 -1.81 5.28 11.20
N GLY A 708 -2.21 4.16 11.81
CA GLY A 708 -3.27 4.15 12.79
C GLY A 708 -2.88 4.80 14.12
N LEU A 709 -1.60 4.68 14.48
CA LEU A 709 -1.11 5.20 15.74
C LEU A 709 -1.38 6.70 15.92
N ARG A 710 -1.43 7.43 14.82
CA ARG A 710 -1.64 8.88 14.85
C ARG A 710 -2.98 9.28 15.47
N GLN A 711 -3.97 8.38 15.40
CA GLN A 711 -5.33 8.70 15.80
C GLN A 711 -5.57 8.48 17.29
N SER A 712 -4.58 7.90 17.97
CA SER A 712 -4.65 7.70 19.41
C SER A 712 -4.78 9.04 20.16
N PRO A 713 -5.59 9.06 21.22
CA PRO A 713 -5.79 10.25 22.05
C PRO A 713 -4.49 10.75 22.67
N ARG A 714 -3.62 9.83 23.09
CA ARG A 714 -2.37 10.18 23.75
C ARG A 714 -1.17 10.22 22.81
N TYR A 715 -1.43 10.22 21.50
CA TYR A 715 -0.34 10.10 20.54
C TYR A 715 0.66 11.26 20.60
N SER A 716 0.15 12.48 20.48
CA SER A 716 1.02 13.65 20.46
C SER A 716 1.77 13.83 21.78
N ALA A 717 1.05 13.64 22.89
CA ALA A 717 1.66 13.75 24.21
C ALA A 717 2.78 12.73 24.38
N THR A 718 2.54 11.50 23.91
CA THR A 718 3.53 10.45 23.99
C THR A 718 4.78 10.82 23.19
N MET A 719 4.57 11.34 21.98
CA MET A 719 5.68 11.73 21.13
C MET A 719 6.43 12.92 21.72
N ALA A 720 5.69 13.84 22.33
CA ALA A 720 6.29 15.00 22.99
C ALA A 720 7.21 14.57 24.14
N LEU A 721 6.75 13.57 24.89
CA LEU A 721 7.51 13.05 26.02
C LEU A 721 8.75 12.29 25.57
N LEU A 722 8.59 11.48 24.51
CA LEU A 722 9.69 10.70 23.98
C LEU A 722 10.81 11.59 23.45
N TYR A 723 10.44 12.64 22.71
CA TYR A 723 11.44 13.57 22.18
C TYR A 723 12.02 14.44 23.28
N HIS A 724 11.27 14.62 24.37
CA HIS A 724 11.77 15.33 25.54
C HIS A 724 12.98 14.62 26.11
N ALA A 725 12.82 13.31 26.35
CA ALA A 725 13.92 12.49 26.86
C ALA A 725 15.02 12.38 25.83
N LEU A 726 14.64 12.33 24.55
CA LEU A 726 15.58 12.22 23.46
C LEU A 726 16.42 13.48 23.34
N ARG A 727 15.79 14.63 23.61
CA ARG A 727 16.49 15.90 23.58
C ARG A 727 17.56 15.96 24.67
N GLU A 728 17.16 15.57 25.88
CA GLU A 728 18.05 15.57 27.04
C GLU A 728 19.29 14.71 26.81
N LEU A 729 19.08 13.50 26.32
CA LEU A 729 20.17 12.55 26.12
C LEU A 729 21.10 12.96 24.97
N THR A 730 20.54 13.60 23.96
CA THR A 730 21.32 14.02 22.80
C THR A 730 22.19 15.23 23.12
N LEU A 731 21.61 16.16 23.88
CA LEU A 731 22.33 17.37 24.27
C LEU A 731 23.56 17.04 25.12
N GLU A 732 23.40 16.10 26.03
CA GLU A 732 24.50 15.67 26.88
C GLU A 732 25.63 15.08 26.03
N LEU A 733 25.25 14.39 24.96
CA LEU A 733 26.21 13.81 24.04
C LEU A 733 26.87 14.88 23.17
N ARG A 734 26.18 16.01 23.01
CA ARG A 734 26.67 17.11 22.17
C ARG A 734 27.63 18.00 22.95
N ASP A 735 27.44 18.05 24.26
CA ASP A 735 28.26 18.89 25.13
C ASP A 735 29.65 18.31 25.34
N ARG A 736 29.83 17.05 24.96
CA ARG A 736 31.13 16.39 25.09
C ARG A 736 31.82 16.25 23.73
N SER A 737 31.29 16.95 22.73
CA SER A 737 31.85 16.87 21.39
C SER A 737 32.42 18.20 20.93
N ASN A 738 33.13 18.19 19.81
CA ASN A 738 33.59 19.42 19.19
C ASN A 738 32.60 19.89 18.13
N ALA A 739 31.33 19.84 18.49
CA ALA A 739 30.27 20.32 17.61
C ALA A 739 30.24 21.85 17.62
N SER A 740 29.82 22.44 16.51
CA SER A 740 29.80 23.89 16.37
C SER A 740 28.94 24.56 17.43
N ARG A 741 29.54 25.47 18.18
CA ARG A 741 28.81 26.26 19.17
C ARG A 741 27.75 27.11 18.46
N LYS A 742 26.57 27.20 19.06
CA LYS A 742 25.48 27.95 18.45
C LYS A 742 25.30 29.32 19.10
N ALA A 743 24.62 30.21 18.41
CA ALA A 743 24.47 31.59 18.88
C ALA A 743 23.05 31.86 19.36
N CYS A 744 22.92 32.79 20.30
CA CYS A 744 21.62 33.14 20.84
C CYS A 744 20.87 34.05 19.86
N GLY A 745 19.55 34.00 19.91
CA GLY A 745 18.73 34.90 19.12
C GLY A 745 18.63 34.54 17.66
N PRO A 746 17.50 34.91 17.02
CA PRO A 746 17.25 34.63 15.61
C PRO A 746 18.05 35.53 14.66
N LEU A 747 18.24 35.07 13.43
CA LEU A 747 18.88 35.88 12.40
C LEU A 747 17.85 36.29 11.36
N TRP A 748 18.07 37.46 10.76
CA TRP A 748 17.16 37.99 9.75
C TRP A 748 17.92 38.28 8.47
N THR A 749 17.40 37.77 7.35
CA THR A 749 18.09 37.88 6.07
C THR A 749 17.13 38.22 4.92
N VAL A 750 17.51 39.21 4.11
CA VAL A 750 16.70 39.63 2.98
C VAL A 750 17.30 39.18 1.65
N LEU A 751 16.46 38.66 0.77
CA LEU A 751 16.92 38.20 -0.55
C LEU A 751 16.24 38.96 -1.70
N GLU A 752 17.03 39.72 -2.44
CA GLU A 752 16.53 40.42 -3.62
C GLU A 752 17.20 39.89 -4.89
N THR A 753 16.78 40.41 -6.04
CA THR A 753 17.33 39.98 -7.32
C THR A 753 18.46 40.90 -7.78
N VAL A 762 21.45 34.45 -9.35
CA VAL A 762 21.34 34.03 -7.95
C VAL A 762 21.12 35.23 -7.03
N ARG A 763 20.24 35.06 -6.05
CA ARG A 763 19.83 36.15 -5.17
C ARG A 763 20.97 36.67 -4.27
N ARG A 764 20.97 37.98 -4.04
CA ARG A 764 21.91 38.58 -3.09
C ARG A 764 21.26 38.67 -1.72
N ASP A 765 22.05 38.45 -0.67
CA ASP A 765 21.51 38.41 0.68
C ASP A 765 22.22 39.39 1.63
N VAL A 766 21.42 40.10 2.41
CA VAL A 766 21.96 40.97 3.46
C VAL A 766 21.49 40.45 4.82
N ALA A 767 22.09 40.95 5.89
CA ALA A 767 21.77 40.45 7.23
C ALA A 767 21.39 41.55 8.21
N PRO A 768 20.12 42.00 8.17
CA PRO A 768 19.58 42.98 9.12
C PRO A 768 19.78 42.58 10.58
N ASP A 769 19.99 43.56 11.45
CA ASP A 769 20.20 43.30 12.87
C ASP A 769 19.08 43.91 13.72
N GLU A 770 18.60 45.07 13.30
CA GLU A 770 17.53 45.76 14.02
C GLU A 770 16.77 46.71 13.10
N LEU A 771 16.11 46.16 12.08
CA LEU A 771 15.37 46.97 11.13
C LEU A 771 13.95 46.44 10.92
N ALA A 772 12.97 47.28 11.22
CA ALA A 772 11.57 46.96 10.95
C ALA A 772 11.22 47.38 9.53
N ALA A 773 12.13 48.13 8.91
CA ALA A 773 11.94 48.62 7.56
C ALA A 773 12.09 47.48 6.54
N ALA A 774 12.82 46.44 6.95
CA ALA A 774 13.01 45.27 6.09
C ALA A 774 11.69 44.55 5.86
N ILE A 775 10.89 44.44 6.91
CA ILE A 775 9.60 43.77 6.85
C ILE A 775 8.66 44.42 5.84
N ALA A 776 8.64 45.76 5.82
CA ALA A 776 7.75 46.50 4.95
C ALA A 776 8.17 46.45 3.49
N SER A 777 9.47 46.27 3.26
CA SER A 777 10.01 46.31 1.89
C SER A 777 9.92 44.96 1.19
N VAL A 778 9.56 43.93 1.95
CA VAL A 778 9.64 42.56 1.45
C VAL A 778 8.27 41.96 1.13
N ASP A 779 8.20 41.23 0.02
CA ASP A 779 6.96 40.59 -0.41
C ASP A 779 6.59 39.36 0.42
N TRP A 780 7.57 38.50 0.67
CA TRP A 780 7.31 37.24 1.39
C TRP A 780 8.25 37.02 2.58
N VAL A 781 7.67 36.64 3.71
CA VAL A 781 8.45 36.24 4.87
C VAL A 781 8.57 34.71 4.92
N VAL A 782 9.78 34.21 5.09
CA VAL A 782 9.98 32.77 5.18
C VAL A 782 10.28 32.35 6.61
N LEU A 783 9.36 31.60 7.21
CA LEU A 783 9.52 31.11 8.57
C LEU A 783 10.56 30.01 8.63
N PRO A 784 11.22 29.85 9.80
CA PRO A 784 12.25 28.81 9.92
C PRO A 784 11.67 27.41 10.06
N SER A 785 12.39 26.41 9.55
CA SER A 785 12.04 25.03 9.78
C SER A 785 12.82 24.49 10.97
N THR A 786 12.86 23.17 11.12
CA THR A 786 13.51 22.54 12.26
C THR A 786 15.05 22.65 12.24
N PRO A 787 15.71 22.35 11.11
CA PRO A 787 17.18 22.38 11.20
C PRO A 787 17.80 23.76 11.06
N THR A 788 16.99 24.78 10.78
CA THR A 788 17.53 26.12 10.55
C THR A 788 17.72 26.91 11.83
N THR A 789 18.73 26.53 12.62
CA THR A 789 19.05 27.23 13.85
C THR A 789 20.28 28.13 13.67
N ASN A 790 20.57 28.95 14.68
CA ASN A 790 21.63 29.95 14.58
C ASN A 790 23.03 29.37 14.77
N TYR A 791 23.56 28.75 13.72
CA TYR A 791 24.91 28.19 13.72
C TYR A 791 25.30 27.89 12.27
N PRO A 792 26.62 27.81 11.97
CA PRO A 792 27.16 27.63 10.62
C PRO A 792 26.32 26.77 9.67
N LEU A 793 26.05 25.53 10.03
CA LEU A 793 25.25 24.66 9.17
C LEU A 793 23.81 25.17 9.07
N GLY A 794 23.26 25.64 10.18
CA GLY A 794 21.89 26.11 10.23
C GLY A 794 21.63 27.31 9.33
N ILE A 795 22.58 28.24 9.27
CA ILE A 795 22.46 29.41 8.43
C ILE A 795 22.52 29.02 6.95
N LYS A 796 23.40 28.08 6.63
CA LYS A 796 23.54 27.60 5.26
C LYS A 796 22.23 26.99 4.77
N LEU A 797 21.61 26.19 5.61
CA LEU A 797 20.32 25.57 5.28
C LEU A 797 19.22 26.61 5.21
N SER A 798 19.27 27.58 6.12
CA SER A 798 18.29 28.66 6.14
C SER A 798 18.35 29.48 4.86
N ASN A 799 19.57 29.69 4.35
CA ASN A 799 19.77 30.40 3.11
C ASN A 799 19.25 29.61 1.91
N GLY A 800 19.62 28.35 1.84
CA GLY A 800 19.23 27.47 0.75
C GLY A 800 17.73 27.35 0.61
N MET A 801 17.04 27.28 1.75
CA MET A 801 15.58 27.19 1.75
C MET A 801 14.97 28.49 1.24
N ALA A 802 15.59 29.61 1.62
CA ALA A 802 15.12 30.92 1.20
C ALA A 802 15.32 31.12 -0.30
N GLN A 803 16.46 30.65 -0.80
CA GLN A 803 16.78 30.76 -2.22
C GLN A 803 15.83 29.92 -3.05
N LEU A 804 15.50 28.73 -2.54
CA LEU A 804 14.55 27.86 -3.22
C LEU A 804 13.17 28.51 -3.33
N PHE A 805 12.74 29.17 -2.26
CA PHE A 805 11.44 29.84 -2.23
C PHE A 805 11.38 31.07 -3.13
N HIS A 806 12.53 31.73 -3.28
CA HIS A 806 12.60 32.94 -4.08
C HIS A 806 12.78 32.65 -5.56
N GLY A 807 13.39 31.51 -5.86
CA GLY A 807 13.50 31.07 -7.22
C GLY A 807 12.15 30.52 -7.68
N PHE A 808 11.39 30.05 -6.70
CA PHE A 808 10.06 29.50 -6.95
C PHE A 808 9.05 30.58 -7.32
N VAL A 809 9.00 31.65 -6.52
CA VAL A 809 8.05 32.73 -6.75
C VAL A 809 8.49 33.61 -7.93
N ALA A 810 9.80 33.71 -8.16
CA ALA A 810 10.31 34.49 -9.29
C ALA A 810 9.98 33.81 -10.62
N GLN A 811 9.91 32.48 -10.60
CA GLN A 811 9.54 31.72 -11.79
C GLN A 811 8.06 31.95 -12.09
N ILE A 812 7.27 32.13 -11.04
CA ILE A 812 5.84 32.41 -11.18
C ILE A 812 5.64 33.81 -11.74
N ALA A 813 6.58 34.70 -11.46
CA ALA A 813 6.53 36.08 -11.95
C ALA A 813 6.58 36.14 -13.47
N ALA A 814 7.27 35.18 -14.09
CA ALA A 814 7.40 35.13 -15.54
C ALA A 814 6.46 34.08 -16.13
N ASP A 815 5.16 34.33 -16.04
CA ASP A 815 4.14 33.42 -16.53
C ASP A 815 2.78 34.10 -16.57
N PRO A 816 1.81 33.49 -17.29
CA PRO A 816 0.40 33.91 -17.28
C PRO A 816 -0.11 34.25 -15.87
N PRO A 829 11.34 43.72 -8.69
CA PRO A 829 12.40 43.52 -7.69
C PRO A 829 11.95 42.62 -6.54
N LEU A 830 11.93 41.30 -6.79
CA LEU A 830 11.45 40.33 -5.81
C LEU A 830 12.30 40.29 -4.55
N ARG A 831 11.70 40.66 -3.42
CA ARG A 831 12.41 40.67 -2.15
C ARG A 831 11.80 39.67 -1.16
N LEU A 832 12.63 38.86 -0.54
CA LEU A 832 12.18 37.87 0.43
C LEU A 832 12.87 38.05 1.78
N LEU A 833 12.17 37.68 2.86
CA LEU A 833 12.76 37.75 4.19
C LEU A 833 12.79 36.36 4.83
N ALA A 834 14.00 35.89 5.13
CA ALA A 834 14.18 34.57 5.73
C ALA A 834 14.53 34.67 7.20
N ILE A 835 13.91 33.83 8.01
CA ILE A 835 14.15 33.84 9.45
C ILE A 835 14.86 32.55 9.90
N THR A 836 15.87 32.72 10.74
CA THR A 836 16.60 31.59 11.31
C THR A 836 16.32 31.50 12.81
N HIS A 837 16.05 30.29 13.30
CA HIS A 837 15.76 30.10 14.72
C HIS A 837 16.95 30.46 15.61
N SER A 838 16.68 30.66 16.89
CA SER A 838 17.72 30.86 17.87
C SER A 838 18.43 29.54 18.15
N GLY A 839 19.75 29.58 18.29
CA GLY A 839 20.53 28.38 18.52
C GLY A 839 20.72 28.07 19.99
N ARG A 840 20.49 29.07 20.83
CA ARG A 840 20.66 28.92 22.27
C ARG A 840 19.42 29.43 23.01
N ARG A 841 19.23 28.98 24.24
CA ARG A 841 18.09 29.42 25.04
C ARG A 841 18.53 30.30 26.20
N ASP A 842 17.58 30.66 27.06
CA ASP A 842 17.85 31.56 28.18
C ASP A 842 18.87 30.97 29.15
N ASP A 843 18.74 29.68 29.44
CA ASP A 843 19.64 29.00 30.37
C ASP A 843 20.94 28.57 29.69
N GLY A 844 21.06 28.88 28.41
CA GLY A 844 22.27 28.54 27.66
C GLY A 844 22.21 27.18 27.00
N GLU A 845 21.06 26.53 27.10
CA GLU A 845 20.88 25.21 26.49
C GLU A 845 20.85 25.33 24.97
N THR A 846 21.52 24.41 24.30
CA THR A 846 21.60 24.41 22.84
C THR A 846 20.28 23.93 22.23
N VAL A 847 19.88 24.57 21.14
CA VAL A 847 18.65 24.19 20.43
C VAL A 847 18.97 23.18 19.31
N ILE A 848 18.48 21.96 19.48
CA ILE A 848 18.67 20.92 18.48
C ILE A 848 17.34 20.47 17.89
N GLU A 849 17.41 19.50 16.98
CA GLU A 849 16.23 19.03 16.26
C GLU A 849 15.15 18.50 17.21
N ALA A 850 15.56 17.73 18.21
CA ALA A 850 14.63 17.16 19.18
C ALA A 850 13.91 18.24 19.97
N SER A 851 14.58 19.37 20.17
CA SER A 851 13.97 20.51 20.86
C SER A 851 12.76 21.02 20.09
N MET A 852 12.91 21.13 18.77
CA MET A 852 11.85 21.65 17.91
C MET A 852 10.75 20.61 17.73
N LEU A 853 11.14 19.34 17.67
CA LEU A 853 10.18 18.25 17.53
C LEU A 853 9.29 18.15 18.76
N HIS A 854 9.89 18.30 19.94
CA HIS A 854 9.13 18.31 21.17
C HIS A 854 8.12 19.43 21.19
N ASN A 855 8.60 20.64 20.85
CA ASN A 855 7.74 21.81 20.75
C ASN A 855 6.57 21.57 19.82
N ARG A 856 6.86 20.94 18.69
CA ARG A 856 5.88 20.58 17.68
C ARG A 856 4.75 19.73 18.28
N PHE A 857 5.13 18.62 18.90
CA PHE A 857 4.15 17.68 19.46
C PHE A 857 3.47 18.24 20.70
N ALA A 858 4.18 19.04 21.48
CA ALA A 858 3.60 19.66 22.66
C ALA A 858 2.51 20.65 22.25
N LEU A 859 2.72 21.31 21.12
CA LEU A 859 1.73 22.24 20.58
C LEU A 859 0.48 21.47 20.14
N ASN A 860 0.71 20.30 19.55
CA ASN A 860 -0.39 19.40 19.17
C ASN A 860 -1.27 19.04 20.36
N ALA A 861 -0.63 18.84 21.52
CA ALA A 861 -1.32 18.37 22.71
C ALA A 861 -1.89 19.51 23.54
N ASP A 862 -1.83 20.72 23.00
CA ASP A 862 -2.35 21.90 23.69
C ASP A 862 -3.78 22.19 23.23
N PRO A 863 -4.76 21.95 24.13
CA PRO A 863 -6.18 22.14 23.81
C PRO A 863 -6.56 23.62 23.66
N SER A 864 -6.05 24.46 24.54
CA SER A 864 -6.30 25.91 24.46
C SER A 864 -5.05 26.61 23.96
N GLY A 865 -5.22 27.63 23.12
CA GLY A 865 -4.08 28.33 22.56
C GLY A 865 -3.26 29.08 23.60
N ILE A 866 -2.45 28.35 24.36
CA ILE A 866 -1.69 28.94 25.46
C ILE A 866 -0.19 28.63 25.40
N TYR A 867 0.19 27.65 24.59
CA TYR A 867 1.57 27.18 24.55
C TYR A 867 2.41 27.86 23.47
N PHE A 868 3.61 28.29 23.85
CA PHE A 868 4.57 28.85 22.91
C PHE A 868 6.00 28.77 23.47
N SER A 869 6.96 28.55 22.58
CA SER A 869 8.35 28.37 22.99
C SER A 869 9.10 29.70 23.08
N GLU A 870 10.30 29.65 23.62
CA GLU A 870 11.16 30.84 23.72
C GLU A 870 11.64 31.26 22.34
N GLU A 871 11.80 30.29 21.45
CA GLU A 871 12.23 30.56 20.08
C GLU A 871 11.15 31.28 19.30
N SER A 872 9.89 30.98 19.63
CA SER A 872 8.75 31.63 18.99
C SER A 872 8.64 33.09 19.44
N GLN A 873 8.94 33.33 20.71
CA GLN A 873 8.85 34.66 21.29
C GLN A 873 9.77 35.65 20.58
N LEU A 874 11.02 35.25 20.38
CA LEU A 874 12.01 36.10 19.73
C LEU A 874 11.61 36.50 18.33
N ILE A 875 10.94 35.59 17.63
CA ILE A 875 10.45 35.87 16.28
C ILE A 875 9.18 36.70 16.33
N TYR A 876 8.28 36.36 17.25
CA TYR A 876 7.00 37.04 17.38
C TYR A 876 7.12 38.53 17.68
N GLU A 877 7.84 38.86 18.75
CA GLU A 877 7.88 40.22 19.26
C GLU A 877 8.55 41.21 18.31
N ARG A 878 9.41 40.70 17.43
CA ARG A 878 10.10 41.56 16.47
C ARG A 878 9.38 41.62 15.12
N LEU A 879 8.53 40.62 14.85
CA LEU A 879 7.87 40.51 13.56
C LEU A 879 6.37 40.78 13.61
N ILE A 880 5.70 40.28 14.64
CA ILE A 880 4.23 40.35 14.70
C ILE A 880 3.73 41.41 15.68
N LEU A 881 4.37 41.49 16.85
CA LEU A 881 3.98 42.44 17.90
C LEU A 881 3.86 43.92 17.44
N PRO A 882 4.79 44.40 16.59
CA PRO A 882 4.63 45.80 16.15
C PRO A 882 3.32 46.08 15.41
N ARG A 883 2.67 45.05 14.88
CA ARG A 883 1.41 45.21 14.18
C ARG A 883 0.25 45.43 15.14
N LEU A 884 0.54 45.37 16.44
CA LEU A 884 -0.47 45.52 17.48
C LEU A 884 -0.24 46.78 18.33
N VAL A 885 0.84 47.49 18.06
CA VAL A 885 1.20 48.66 18.85
C VAL A 885 1.03 49.96 18.07
N ASP A 886 1.30 51.08 18.73
CA ASP A 886 1.13 52.39 18.12
C ASP A 886 2.44 52.96 17.58
N LYS A 887 3.55 52.55 18.18
CA LYS A 887 4.86 53.10 17.82
C LYS A 887 6.00 52.20 18.29
N PRO A 888 7.22 52.43 17.78
CA PRO A 888 8.45 51.79 18.25
C PRO A 888 8.55 51.68 19.78
N ALA A 889 8.82 50.47 20.27
CA ALA A 889 8.91 50.22 21.70
C ALA A 889 10.34 49.86 22.11
N LYS A 890 10.49 49.40 23.35
CA LYS A 890 11.80 49.09 23.92
C LYS A 890 12.14 47.61 23.81
N LEU A 891 13.28 47.31 23.20
CA LEU A 891 13.74 45.93 23.06
C LEU A 891 15.04 45.71 23.83
N ALA A 892 15.08 44.63 24.60
CA ALA A 892 16.26 44.32 25.42
C ALA A 892 17.44 43.88 24.58
N TYR A 893 18.57 43.61 25.24
CA TYR A 893 19.77 43.16 24.56
C TYR A 893 19.57 41.77 23.98
N THR A 894 18.64 41.01 24.58
CA THR A 894 18.29 39.68 24.08
C THR A 894 17.23 39.79 22.98
N GLU A 895 17.03 41.02 22.50
CA GLU A 895 16.09 41.32 21.41
C GLU A 895 14.64 40.98 21.75
N ARG A 896 14.36 40.78 23.04
CA ARG A 896 12.99 40.59 23.50
C ARG A 896 12.42 41.93 23.96
N GLN A 897 11.10 42.04 23.96
CA GLN A 897 10.43 43.29 24.30
C GLN A 897 10.52 43.58 25.80
N LEU A 898 9.94 44.71 26.20
CA LEU A 898 9.95 45.12 27.61
C LEU A 898 8.54 45.30 28.14
N ARG A 917 -1.77 51.41 20.90
CA ARG A 917 -2.50 50.17 21.10
C ARG A 917 -3.35 49.82 19.88
N ILE A 918 -4.68 49.78 20.08
CA ILE A 918 -5.61 49.28 19.07
C ILE A 918 -5.51 49.98 17.72
N ASN A 919 -5.99 51.23 17.68
CA ASN A 919 -6.15 51.96 16.41
C ASN A 919 -6.98 51.13 15.43
N ALA A 920 -8.23 50.91 15.79
CA ALA A 920 -9.12 50.01 15.06
C ALA A 920 -9.28 50.38 13.59
N GLU A 921 -9.24 51.67 13.30
CA GLU A 921 -9.39 52.15 11.92
C GLU A 921 -8.18 51.73 11.07
N GLN A 922 -7.03 51.58 11.72
CA GLN A 922 -5.80 51.25 11.01
C GLN A 922 -5.53 49.74 10.99
N ILE A 923 -6.41 48.96 11.60
CA ILE A 923 -6.27 47.52 11.61
C ILE A 923 -6.43 46.96 10.20
N GLU A 924 -7.37 47.53 9.45
CA GLU A 924 -7.57 47.15 8.06
C GLU A 924 -6.46 47.73 7.18
N ARG A 925 -5.73 48.69 7.73
CA ARG A 925 -4.66 49.37 7.00
C ARG A 925 -3.32 48.64 7.11
N LEU A 926 -3.27 47.65 7.99
CA LEU A 926 -2.08 46.82 8.12
C LEU A 926 -1.83 46.06 6.82
N PRO A 927 -0.59 46.06 6.34
CA PRO A 927 -0.26 45.39 5.07
C PRO A 927 -0.41 43.88 5.17
N LEU A 928 -0.78 43.24 4.06
CA LEU A 928 -0.96 41.79 4.02
C LEU A 928 0.36 41.07 4.23
N LEU A 929 0.46 40.30 5.32
CA LEU A 929 1.66 39.56 5.62
C LEU A 929 1.61 38.16 5.02
N LYS A 930 2.40 37.93 3.98
CA LYS A 930 2.43 36.64 3.31
C LYS A 930 3.64 35.82 3.75
N CYS A 931 3.36 34.68 4.37
CA CYS A 931 4.42 33.85 4.94
C CYS A 931 4.50 32.47 4.30
N PHE A 932 5.72 31.99 4.09
CA PHE A 932 5.95 30.61 3.66
C PHE A 932 6.32 29.76 4.85
N ALA A 933 5.82 28.53 4.88
CA ALA A 933 6.11 27.61 5.97
C ALA A 933 6.51 26.24 5.45
N HIS A 934 7.47 25.62 6.13
CA HIS A 934 7.87 24.25 5.82
C HIS A 934 8.18 23.48 7.09
N SER A 935 7.85 22.20 7.10
CA SER A 935 8.11 21.31 8.23
C SER A 935 7.47 21.84 9.51
N SER A 936 8.31 22.23 10.47
CA SER A 936 7.83 22.73 11.75
C SER A 936 7.42 24.20 11.68
N GLY A 937 7.50 24.76 10.48
CA GLY A 937 7.18 26.16 10.26
C GLY A 937 5.75 26.50 10.62
N ILE A 938 4.83 25.58 10.33
CA ILE A 938 3.42 25.80 10.64
C ILE A 938 3.20 25.84 12.15
N ALA A 939 4.06 25.16 12.91
CA ALA A 939 3.98 25.15 14.36
C ALA A 939 4.44 26.49 14.94
N THR A 940 5.56 26.97 14.43
CA THR A 940 6.12 28.26 14.85
C THR A 940 5.12 29.37 14.57
N ALA A 941 4.44 29.27 13.43
CA ALA A 941 3.46 30.27 13.02
C ALA A 941 2.29 30.37 13.99
N GLN A 942 1.71 29.22 14.34
CA GLN A 942 0.57 29.20 15.25
C GLN A 942 0.95 29.64 16.66
N GLN A 943 2.24 29.52 16.99
CA GLN A 943 2.74 30.00 18.27
C GLN A 943 2.85 31.53 18.26
N LEU A 944 2.98 32.10 17.07
CA LEU A 944 2.98 33.56 16.93
C LEU A 944 1.56 34.09 17.14
N ASP A 945 0.59 33.34 16.65
CA ASP A 945 -0.82 33.70 16.78
C ASP A 945 -1.25 33.69 18.24
N VAL A 946 -0.77 32.68 18.97
CA VAL A 946 -1.06 32.53 20.39
C VAL A 946 -0.56 33.73 21.19
N GLN A 947 0.68 34.12 20.94
CA GLN A 947 1.28 35.26 21.64
C GLN A 947 0.58 36.57 21.28
N ALA A 948 0.10 36.66 20.05
CA ALA A 948 -0.63 37.84 19.59
C ALA A 948 -1.95 37.98 20.35
N CYS A 949 -2.61 36.86 20.59
CA CYS A 949 -3.85 36.86 21.36
C CYS A 949 -3.59 37.27 22.81
N ARG A 950 -2.46 36.80 23.37
CA ARG A 950 -2.10 37.12 24.74
C ARG A 950 -1.84 38.61 24.91
N ASP A 951 -1.09 39.20 23.99
CA ASP A 951 -0.81 40.63 24.01
C ASP A 951 -2.04 41.43 23.57
N GLY A 952 -2.70 40.96 22.51
CA GLY A 952 -3.87 41.62 21.98
C GLY A 952 -5.01 41.74 22.97
N GLU A 953 -5.20 40.70 23.78
CA GLU A 953 -6.21 40.71 24.81
C GLU A 953 -5.78 41.60 25.98
N ARG A 954 -4.48 41.57 26.29
CA ARG A 954 -3.93 42.42 27.33
C ARG A 954 -4.00 43.89 26.93
N LEU A 955 -3.77 44.16 25.65
CA LEU A 955 -3.87 45.51 25.12
C LEU A 955 -5.32 45.88 24.86
N GLY A 956 -6.18 44.87 24.76
CA GLY A 956 -7.60 45.09 24.56
C GLY A 956 -8.00 45.16 23.11
N LEU A 957 -8.90 44.27 22.70
CA LEU A 957 -9.45 44.26 21.35
C LEU A 957 -10.64 43.31 21.28
N THR A 958 -11.64 43.67 20.49
CA THR A 958 -12.78 42.80 20.29
C THR A 958 -12.33 41.49 19.67
N GLY A 959 -13.07 40.41 19.94
CA GLY A 959 -12.77 39.12 19.34
C GLY A 959 -12.81 39.24 17.83
N ASP A 960 -13.75 40.05 17.35
CA ASP A 960 -13.89 40.32 15.92
C ASP A 960 -12.72 41.18 15.43
N GLU A 961 -12.20 42.04 16.30
CA GLU A 961 -11.06 42.88 15.96
C GLU A 961 -9.82 42.03 15.74
N LEU A 962 -9.64 41.02 16.59
CA LEU A 962 -8.53 40.08 16.45
C LEU A 962 -8.66 39.29 15.15
N ARG A 963 -9.89 38.97 14.77
CA ARG A 963 -10.14 38.28 13.50
C ARG A 963 -9.74 39.15 12.32
N ALA A 964 -10.04 40.44 12.42
CA ALA A 964 -9.65 41.40 11.39
C ALA A 964 -8.14 41.52 11.32
N PHE A 965 -7.51 41.45 12.49
CA PHE A 965 -6.05 41.50 12.58
C PHE A 965 -5.41 40.31 11.88
N PHE A 966 -5.99 39.13 12.06
CA PHE A 966 -5.46 37.91 11.47
C PHE A 966 -5.79 37.79 9.99
N ASP A 967 -6.76 38.59 9.54
CA ASP A 967 -7.13 38.59 8.12
C ASP A 967 -6.13 39.40 7.31
N ARG A 968 -5.24 40.11 8.02
CA ARG A 968 -4.19 40.88 7.37
C ARG A 968 -2.91 40.07 7.27
N ALA A 969 -3.04 38.75 7.36
CA ALA A 969 -1.91 37.83 7.24
C ALA A 969 -2.31 36.57 6.49
N LEU A 970 -1.34 35.94 5.85
CA LEU A 970 -1.60 34.75 5.03
C LEU A 970 -0.50 33.71 5.22
N LEU A 971 -0.86 32.43 5.10
CA LEU A 971 0.08 31.35 5.31
C LEU A 971 0.01 30.27 4.24
N VAL A 972 1.15 29.96 3.64
CA VAL A 972 1.25 28.83 2.72
C VAL A 972 2.27 27.84 3.25
N SER A 973 1.79 26.65 3.62
CA SER A 973 2.66 25.66 4.26
C SER A 973 2.89 24.44 3.37
N PHE A 974 4.15 24.15 3.10
CA PHE A 974 4.52 22.94 2.37
C PHE A 974 5.08 21.91 3.33
N GLY A 975 4.39 20.79 3.45
CA GLY A 975 4.78 19.74 4.38
C GLY A 975 4.56 20.19 5.82
N SER A 976 3.31 20.34 6.21
CA SER A 976 2.98 20.71 7.58
C SER A 976 3.26 19.55 8.54
N ALA A 977 4.24 19.74 9.41
CA ALA A 977 4.67 18.69 10.33
C ALA A 977 4.01 18.83 11.69
N ALA A 978 3.01 19.70 11.78
CA ALA A 978 2.27 19.90 13.01
C ALA A 978 0.79 20.12 12.69
N ASP A 979 -0.07 19.79 13.65
CA ASP A 979 -1.51 19.95 13.45
C ASP A 979 -1.90 21.41 13.32
N ILE A 980 -2.84 21.68 12.42
CA ILE A 980 -3.42 23.01 12.31
C ILE A 980 -4.69 23.08 13.14
N HIS A 981 -4.63 23.79 14.25
CA HIS A 981 -5.78 23.93 15.13
C HIS A 981 -6.84 24.81 14.46
N LEU A 982 -7.80 24.16 13.83
CA LEU A 982 -8.80 24.83 13.01
C LEU A 982 -9.68 25.80 13.79
N ASP A 983 -9.93 25.49 15.06
CA ASP A 983 -10.85 26.28 15.87
C ASP A 983 -10.17 27.39 16.67
N TRP A 984 -8.89 27.61 16.43
CA TRP A 984 -8.16 28.68 17.12
C TRP A 984 -8.25 30.01 16.38
N LEU A 985 -7.97 31.09 17.09
CA LEU A 985 -7.77 32.39 16.46
C LEU A 985 -6.41 32.42 15.80
N GLY A 986 -6.36 32.66 14.49
CA GLY A 986 -5.10 32.70 13.80
C GLY A 986 -5.13 32.88 12.29
N THR A 987 -3.96 32.76 11.69
CA THR A 987 -3.78 33.00 10.26
C THR A 987 -4.37 31.87 9.41
N SER A 988 -5.06 32.23 8.34
CA SER A 988 -5.59 31.25 7.41
C SER A 988 -4.46 30.61 6.62
N VAL A 989 -4.58 29.31 6.37
CA VAL A 989 -3.47 28.54 5.79
C VAL A 989 -3.87 27.79 4.53
N VAL A 990 -2.98 27.79 3.54
CA VAL A 990 -3.06 26.85 2.43
C VAL A 990 -2.07 25.73 2.72
N ASP A 991 -2.58 24.52 2.93
CA ASP A 991 -1.76 23.42 3.41
C ASP A 991 -1.49 22.37 2.33
N VAL A 992 -0.21 22.20 2.00
CA VAL A 992 0.19 21.21 1.01
C VAL A 992 1.12 20.16 1.64
N THR A 993 0.55 19.01 2.02
CA THR A 993 1.34 17.95 2.65
C THR A 993 1.18 16.64 1.88
N ALA A 994 2.30 15.96 1.66
CA ALA A 994 2.32 14.73 0.87
C ALA A 994 2.11 13.49 1.74
N PHE A 995 1.50 12.46 1.14
CA PHE A 995 1.21 11.21 1.84
C PHE A 995 2.49 10.47 2.23
N ASN A 996 3.50 10.53 1.37
CA ASN A 996 4.76 9.85 1.64
C ASN A 996 5.70 10.70 2.47
N ASP A 997 5.24 11.87 2.89
CA ASP A 997 6.00 12.70 3.82
C ASP A 997 5.82 12.14 5.22
N VAL A 998 6.58 11.09 5.53
CA VAL A 998 6.41 10.34 6.76
C VAL A 998 6.74 11.18 8.00
N ARG A 999 7.64 12.15 7.85
CA ARG A 999 8.00 12.98 8.99
C ARG A 999 6.88 13.98 9.30
N SER A 1000 6.24 14.48 8.25
CA SER A 1000 5.07 15.33 8.42
C SER A 1000 3.87 14.52 8.92
N LEU A 1001 3.74 13.30 8.41
CA LEU A 1001 2.67 12.41 8.84
C LEU A 1001 2.79 12.07 10.32
N ALA A 1002 4.00 11.70 10.74
CA ALA A 1002 4.26 11.34 12.13
C ALA A 1002 4.00 12.51 13.07
N GLY A 1003 4.09 13.73 12.54
CA GLY A 1003 3.91 14.93 13.34
C GLY A 1003 2.48 15.45 13.33
N THR A 1004 1.61 14.81 12.58
CA THR A 1004 0.22 15.26 12.45
C THR A 1004 -0.78 14.17 12.78
N THR A 1005 -2.05 14.56 12.91
CA THR A 1005 -3.11 13.62 13.27
C THR A 1005 -4.31 13.73 12.34
N SER A 1006 -4.23 14.62 11.36
CA SER A 1006 -5.31 14.80 10.39
C SER A 1006 -5.44 13.57 9.49
N ARG A 1007 -6.68 13.13 9.26
CA ARG A 1007 -6.93 11.96 8.43
C ARG A 1007 -6.85 12.30 6.94
N HIS A 1008 -6.87 13.59 6.62
CA HIS A 1008 -6.84 14.03 5.22
C HIS A 1008 -5.54 13.69 4.52
N TYR A 1009 -4.46 13.53 5.29
CA TYR A 1009 -3.14 13.23 4.75
C TYR A 1009 -3.00 11.77 4.33
N VAL A 1010 -3.97 10.95 4.74
CA VAL A 1010 -3.89 9.51 4.50
C VAL A 1010 -4.64 9.08 3.24
N ILE A 1011 -3.93 8.44 2.32
CA ILE A 1011 -4.53 7.97 1.08
C ILE A 1011 -5.07 6.55 1.22
N GLN A 1012 -6.35 6.39 0.93
CA GLN A 1012 -6.99 5.07 0.94
C GLN A 1012 -7.34 4.67 -0.49
N PRO A 1013 -7.64 3.37 -0.73
CA PRO A 1013 -7.99 2.90 -2.08
C PRO A 1013 -9.03 3.79 -2.79
N GLY A 1014 -8.65 4.32 -3.96
CA GLY A 1014 -9.52 5.21 -4.70
C GLY A 1014 -8.80 5.92 -5.83
N GLU A 1015 -9.29 7.10 -6.19
CA GLU A 1015 -8.75 7.84 -7.32
C GLU A 1015 -7.30 8.26 -7.12
N HIS A 1016 -7.01 8.85 -5.97
CA HIS A 1016 -5.65 9.29 -5.66
C HIS A 1016 -4.69 8.11 -5.55
N ALA A 1017 -5.21 7.00 -5.04
CA ALA A 1017 -4.43 5.77 -4.93
C ALA A 1017 -4.11 5.19 -6.30
N ASP A 1018 -4.99 5.44 -7.26
CA ASP A 1018 -4.77 4.97 -8.63
C ASP A 1018 -3.64 5.74 -9.30
N VAL A 1019 -3.67 7.07 -9.15
CA VAL A 1019 -2.63 7.93 -9.71
C VAL A 1019 -1.26 7.55 -9.15
N LEU A 1020 -1.21 7.28 -7.85
CA LEU A 1020 0.03 6.93 -7.17
C LEU A 1020 0.68 5.68 -7.76
N GLN A 1021 -0.12 4.63 -7.96
CA GLN A 1021 0.39 3.37 -8.47
C GLN A 1021 0.77 3.46 -9.94
N HIS A 1022 0.15 4.38 -10.67
CA HIS A 1022 0.52 4.64 -12.05
C HIS A 1022 1.88 5.30 -12.14
N CYS A 1023 2.16 6.19 -11.18
CA CYS A 1023 3.43 6.91 -11.14
C CYS A 1023 4.54 6.08 -10.53
N LEU A 1024 4.18 4.95 -9.93
CA LEU A 1024 5.19 4.05 -9.34
C LEU A 1024 5.89 3.23 -10.41
N VAL A 1025 5.20 2.98 -11.52
CA VAL A 1025 5.76 2.21 -12.62
C VAL A 1025 6.26 3.13 -13.73
N HIS A 1026 5.84 4.38 -13.70
CA HIS A 1026 6.18 5.34 -14.73
C HIS A 1026 7.62 5.81 -14.62
N THR A 1027 8.32 5.85 -15.75
CA THR A 1027 9.67 6.39 -15.81
C THR A 1027 9.60 7.91 -15.81
N GLN A 1028 10.78 8.54 -15.93
CA GLN A 1028 10.90 10.00 -15.91
C GLN A 1028 10.15 10.63 -14.73
N PRO A 1029 10.66 10.43 -13.50
CA PRO A 1029 10.02 10.94 -12.29
C PRO A 1029 10.10 12.47 -12.17
N ALA A 1030 11.06 13.08 -12.86
CA ALA A 1030 11.26 14.53 -12.76
C ALA A 1030 10.12 15.32 -13.40
N ASP A 1031 9.35 14.66 -14.27
CA ASP A 1031 8.24 15.30 -14.96
C ASP A 1031 7.00 15.37 -14.06
N TYR A 1032 6.98 14.54 -13.03
CA TYR A 1032 5.79 14.38 -12.19
C TYR A 1032 5.34 15.67 -11.49
N ARG A 1033 4.03 15.94 -11.59
CA ARG A 1033 3.40 17.00 -10.83
C ARG A 1033 2.12 16.45 -10.20
N TYR A 1034 1.80 16.89 -8.98
CA TYR A 1034 0.59 16.44 -8.32
C TYR A 1034 -0.61 17.32 -8.68
N ASP A 1035 -0.97 17.34 -9.96
CA ASP A 1035 -2.14 18.08 -10.42
C ASP A 1035 -3.43 17.44 -9.90
N HIS A 1036 -3.38 16.13 -9.71
CA HIS A 1036 -4.53 15.36 -9.27
C HIS A 1036 -5.01 15.73 -7.87
N ALA A 1037 -4.18 16.48 -7.15
CA ALA A 1037 -4.47 16.90 -5.78
C ALA A 1037 -5.80 17.63 -5.69
N THR A 1038 -6.57 17.30 -4.66
CA THR A 1038 -7.89 17.91 -4.45
C THR A 1038 -7.91 18.75 -3.18
N PRO A 1039 -8.18 20.05 -3.32
CA PRO A 1039 -8.28 20.95 -2.16
C PRO A 1039 -9.56 20.74 -1.36
N VAL A 1040 -9.41 20.52 -0.05
CA VAL A 1040 -10.55 20.45 0.85
C VAL A 1040 -10.59 21.72 1.69
N TRP A 1041 -11.79 22.30 1.84
CA TRP A 1041 -11.91 23.61 2.45
C TRP A 1041 -12.65 23.58 3.79
N GLN A 1042 -12.01 24.15 4.80
CA GLN A 1042 -12.52 24.10 6.17
C GLN A 1042 -12.60 25.47 6.81
N ASP A 1043 -13.69 25.71 7.56
CA ASP A 1043 -13.86 26.96 8.28
C ASP A 1043 -13.92 26.72 9.79
N GLY A 1044 -13.06 27.42 10.53
CA GLY A 1044 -12.98 27.24 11.96
C GLY A 1044 -14.03 28.03 12.72
N ARG A 1045 -14.13 27.78 14.02
CA ARG A 1045 -15.08 28.47 14.88
C ARG A 1045 -14.76 29.96 14.96
N GLN A 1046 -13.49 30.29 14.87
CA GLN A 1046 -13.05 31.69 14.98
C GLN A 1046 -12.67 32.26 13.62
N GLY A 1047 -13.22 31.69 12.56
CA GLY A 1047 -13.06 32.23 11.22
C GLY A 1047 -11.79 31.83 10.48
N LYS A 1048 -11.00 30.95 11.09
CA LYS A 1048 -9.78 30.48 10.43
C LYS A 1048 -10.13 29.62 9.22
N ILE A 1049 -9.44 29.85 8.12
CA ILE A 1049 -9.67 29.11 6.88
C ILE A 1049 -8.47 28.24 6.53
N VAL A 1050 -8.72 26.97 6.23
CA VAL A 1050 -7.65 26.05 5.88
C VAL A 1050 -7.92 25.34 4.55
N ALA A 1051 -7.01 25.51 3.59
CA ALA A 1051 -7.09 24.83 2.32
C ALA A 1051 -6.23 23.57 2.33
N ARG A 1052 -6.87 22.44 2.59
CA ARG A 1052 -6.16 21.17 2.70
C ARG A 1052 -6.11 20.43 1.37
N LEU A 1053 -4.91 20.25 0.82
CA LEU A 1053 -4.75 19.47 -0.40
C LEU A 1053 -4.65 17.99 -0.08
N THR A 1054 -5.43 17.17 -0.79
CA THR A 1054 -5.41 15.73 -0.58
C THR A 1054 -4.91 15.00 -1.82
N GLY A 1055 -4.30 13.84 -1.60
CA GLY A 1055 -3.79 13.02 -2.69
C GLY A 1055 -2.40 13.42 -3.13
N VAL A 1056 -1.83 14.40 -2.44
CA VAL A 1056 -0.49 14.86 -2.75
C VAL A 1056 0.54 13.79 -2.35
N PHE A 1057 1.48 13.52 -3.25
CA PHE A 1057 2.63 12.68 -2.92
C PHE A 1057 3.82 13.10 -3.76
N LEU A 1058 5.02 12.72 -3.32
CA LEU A 1058 6.24 13.13 -3.99
C LEU A 1058 7.08 11.94 -4.41
N LEU A 1059 7.47 11.90 -5.68
CA LEU A 1059 8.31 10.84 -6.19
C LEU A 1059 9.78 11.14 -5.92
N ASP A 1060 10.57 10.10 -5.69
CA ASP A 1060 12.00 10.26 -5.54
C ASP A 1060 12.69 9.97 -6.87
N ASP A 1061 14.01 9.82 -6.86
CA ASP A 1061 14.76 9.60 -8.08
C ASP A 1061 14.47 8.24 -8.71
N HIS A 1062 14.05 7.28 -7.89
CA HIS A 1062 13.74 5.94 -8.37
C HIS A 1062 12.24 5.75 -8.54
N ALA A 1063 11.51 6.85 -8.61
CA ALA A 1063 10.04 6.86 -8.70
C ALA A 1063 9.40 6.16 -7.49
N ARG A 1064 10.12 6.13 -6.37
CA ARG A 1064 9.61 5.58 -5.13
C ARG A 1064 9.08 6.69 -4.23
N LEU A 1065 8.99 6.42 -2.93
CA LEU A 1065 8.37 7.36 -2.00
C LEU A 1065 9.31 7.86 -0.90
N ASP A 1066 10.59 7.51 -1.02
CA ASP A 1066 11.58 7.98 -0.04
C ASP A 1066 11.86 9.47 -0.22
N ASP A 1067 12.41 10.08 0.82
CA ASP A 1067 12.82 11.50 0.79
C ASP A 1067 11.65 12.41 0.44
N GLY A 1068 10.53 12.24 1.14
CA GLY A 1068 9.33 12.99 0.85
C GLY A 1068 9.15 14.25 1.67
N HIS A 1069 10.20 14.66 2.36
CA HIS A 1069 10.13 15.85 3.21
C HIS A 1069 10.94 17.02 2.63
N SER A 1070 11.57 16.80 1.48
CA SER A 1070 12.41 17.83 0.87
C SER A 1070 11.55 18.97 0.33
N ILE A 1071 11.87 20.19 0.75
CA ILE A 1071 11.14 21.37 0.32
C ILE A 1071 11.30 21.58 -1.19
N ARG A 1072 12.38 21.07 -1.75
CA ARG A 1072 12.64 21.18 -3.17
C ARG A 1072 11.57 20.43 -3.99
N ARG A 1073 11.36 19.16 -3.68
CA ARG A 1073 10.36 18.35 -4.38
C ARG A 1073 8.95 18.91 -4.20
N TYR A 1074 8.70 19.50 -3.04
CA TYR A 1074 7.40 20.10 -2.75
C TYR A 1074 7.12 21.24 -3.73
N LEU A 1075 8.17 22.01 -4.04
CA LEU A 1075 8.04 23.13 -4.95
C LEU A 1075 8.21 22.71 -6.40
N ALA A 1076 9.11 21.74 -6.63
CA ALA A 1076 9.39 21.27 -7.98
C ALA A 1076 8.18 20.58 -8.60
N ALA A 1077 7.57 19.67 -7.84
CA ALA A 1077 6.43 18.90 -8.33
C ALA A 1077 5.12 19.68 -8.22
N SER A 1078 5.22 20.95 -7.83
CA SER A 1078 4.05 21.80 -7.70
C SER A 1078 3.32 21.96 -9.04
N PRO A 1079 2.00 21.72 -9.03
CA PRO A 1079 1.14 21.80 -10.21
C PRO A 1079 0.90 23.23 -10.67
N LEU A 1080 0.54 23.40 -11.94
CA LEU A 1080 0.36 24.72 -12.53
C LEU A 1080 -0.77 25.50 -11.86
N TRP A 1081 -1.86 24.81 -11.51
CA TRP A 1081 -3.03 25.48 -10.94
C TRP A 1081 -2.73 26.00 -9.54
N LEU A 1082 -1.82 25.35 -8.83
CA LEU A 1082 -1.42 25.79 -7.50
C LEU A 1082 -0.60 27.07 -7.55
N ARG A 1083 0.25 27.18 -8.57
CA ARG A 1083 1.09 28.36 -8.73
C ARG A 1083 0.25 29.60 -9.02
N GLN A 1084 -0.91 29.39 -9.64
CA GLN A 1084 -1.85 30.48 -9.91
C GLN A 1084 -2.35 31.09 -8.61
N TRP A 1085 -2.55 30.26 -7.59
CA TRP A 1085 -3.00 30.74 -6.29
C TRP A 1085 -1.95 31.64 -5.66
N ILE A 1086 -0.70 31.20 -5.72
CA ILE A 1086 0.42 31.97 -5.19
C ILE A 1086 0.65 33.23 -6.02
N ALA A 1087 0.40 33.12 -7.33
CA ALA A 1087 0.47 34.27 -8.22
C ALA A 1087 -0.54 35.33 -7.81
N ARG A 1088 -1.76 34.91 -7.52
CA ARG A 1088 -2.82 35.81 -7.08
C ARG A 1088 -2.48 36.42 -5.73
N PHE A 1089 -1.88 35.60 -4.86
CA PHE A 1089 -1.43 36.06 -3.55
C PHE A 1089 -0.37 37.15 -3.69
N HIS A 1090 0.63 36.87 -4.54
CA HIS A 1090 1.73 37.80 -4.76
C HIS A 1090 1.23 39.10 -5.39
N ASP A 1091 0.61 38.98 -6.56
CA ASP A 1091 0.09 40.14 -7.28
C ASP A 1091 -1.30 40.52 -6.76
N ALA A 1092 -1.34 41.06 -5.55
CA ALA A 1092 -2.60 41.45 -4.93
C ALA A 1092 -2.48 42.82 -4.27
N PRO A 1093 -3.55 43.63 -4.36
CA PRO A 1093 -3.59 44.93 -3.69
C PRO A 1093 -3.78 44.76 -2.18
N ALA A 1094 -3.87 45.88 -1.46
CA ALA A 1094 -4.15 45.84 -0.03
C ALA A 1094 -5.47 45.11 0.22
N ASP A 1095 -5.39 43.83 0.53
CA ASP A 1095 -6.57 42.98 0.59
C ASP A 1095 -6.53 42.01 1.76
N THR A 1096 -7.67 41.39 2.05
CA THR A 1096 -7.78 40.46 3.16
C THR A 1096 -7.58 39.02 2.70
N GLY A 1097 -7.19 38.16 3.63
CA GLY A 1097 -7.03 36.75 3.34
C GLY A 1097 -8.35 36.12 2.95
N ALA A 1098 -9.31 36.18 3.87
CA ALA A 1098 -10.64 35.59 3.66
C ALA A 1098 -11.23 35.96 2.30
N HIS A 1099 -11.07 37.21 1.90
CA HIS A 1099 -11.54 37.67 0.60
C HIS A 1099 -10.78 36.97 -0.53
N ALA A 1100 -9.46 37.03 -0.47
CA ALA A 1100 -8.60 36.48 -1.50
C ALA A 1100 -8.79 34.97 -1.66
N ILE A 1101 -8.79 34.26 -0.53
CA ILE A 1101 -8.89 32.81 -0.56
C ILE A 1101 -10.28 32.34 -1.01
N LEU A 1102 -11.32 33.04 -0.57
CA LEU A 1102 -12.69 32.67 -0.93
C LEU A 1102 -12.93 32.79 -2.44
N ARG A 1103 -12.25 33.74 -3.06
CA ARG A 1103 -12.35 33.93 -4.50
C ARG A 1103 -11.76 32.73 -5.24
N GLU A 1104 -10.78 32.08 -4.61
CA GLU A 1104 -10.12 30.93 -5.20
C GLU A 1104 -11.01 29.68 -5.18
N LEU A 1105 -12.19 29.80 -4.58
CA LEU A 1105 -13.14 28.69 -4.55
C LEU A 1105 -14.16 28.82 -5.67
N GLN A 1106 -13.70 29.27 -6.83
CA GLN A 1106 -14.58 29.43 -7.98
C GLN A 1106 -13.78 29.38 -9.28
MG MG B . -8.83 -22.30 0.47
#